data_1UR8
#
_entry.id   1UR8
#
_cell.length_a   55.396
_cell.length_b   103.484
_cell.length_c   186.022
_cell.angle_alpha   90.00
_cell.angle_beta   90.00
_cell.angle_gamma   90.00
#
_symmetry.space_group_name_H-M   'P 21 21 21'
#
loop_
_entity.id
_entity.type
_entity.pdbx_description
1 polymer 'CHITINASE B'
2 branched 2-acetamido-2-deoxy-beta-D-glucopyranose-(1-4)-2-(acetylamido)-2-deoxy-D-glucono-1,5-lactone
3 non-polymer GLYCEROL
4 non-polymer 'SULFATE ION'
5 water water
#
_entity_poly.entity_id   1
_entity_poly.type   'polypeptide(L)'
_entity_poly.pdbx_seq_one_letter_code
;MSTRKAVIGYYFIPTNQINNYTETDTSVVPFPVSNITPAKAKQLTHINFSFLDINSNLECAWDPATNDAKARDVVNRLTA
LKAHNPSLRIMFSIGGWYYSNDLGVSHANYVNAVKTPASRAKFAQSCVRIMKDYGFDGVDIDWEYPQAAEVDGFIAALQE
IRTLLNQQTITDGRQALPYQLTIAGAGGAFFLSRYYSKLAQIVAPLDYINLMTYDLAGPWEKVTNHQAALFGDAAGPTFY
NALREANLGWSWEELTRAFPSPFSLTVDAAVQQHLMMEGVPSAKIVMGVPFYGRAFKGVSGGNGGQYSSHSTPGEDPYPS
TDYWLVGCEECVRDKDPRIASYRQLEQMLQGNYGYQRLWNDKTKTPYLYHAQNGLFVTYDDAESFKYKAKYIKQQQLGGV
MFWHLGQDNRNGDLLAALDRYFNAADYDDSQLDMGTGLRYTGVGPGNLPIMTAPAYVPGTTYAQGALVSYQGYVWQTKWG
YITSAPGSDSAWLKVGRVA
;
_entity_poly.pdbx_strand_id   A,B
#
loop_
_chem_comp.id
_chem_comp.type
_chem_comp.name
_chem_comp.formula
GDL D-saccharide 2-(acetylamido)-2-deoxy-D-glucono-1,5-lactone 'C8 H13 N O6'
GOL non-polymer GLYCEROL 'C3 H8 O3'
NAG D-saccharide, beta linking 2-acetamido-2-deoxy-beta-D-glucopyranose 'C8 H15 N O6'
SO4 non-polymer 'SULFATE ION' 'O4 S -2'
#
# COMPACT_ATOMS: atom_id res chain seq x y z
N THR A 3 2.35 -34.41 16.81
CA THR A 3 3.85 -34.45 16.75
C THR A 3 4.39 -33.61 17.92
N ARG A 4 5.45 -34.12 18.54
CA ARG A 4 6.03 -33.42 19.68
C ARG A 4 6.47 -31.98 19.37
N LYS A 5 6.18 -31.05 20.30
CA LYS A 5 6.57 -29.66 20.15
C LYS A 5 8.07 -29.52 20.39
N ALA A 6 8.72 -28.66 19.62
CA ALA A 6 10.15 -28.44 19.79
C ALA A 6 10.37 -27.65 21.08
N VAL A 7 11.46 -27.94 21.78
CA VAL A 7 11.81 -27.20 22.99
C VAL A 7 13.29 -26.92 22.74
N ILE A 8 13.54 -25.70 22.26
CA ILE A 8 14.85 -25.29 21.83
C ILE A 8 15.53 -24.36 22.79
N GLY A 9 16.56 -24.86 23.48
CA GLY A 9 17.23 -23.98 24.42
C GLY A 9 18.54 -23.44 23.92
N TYR A 10 18.57 -22.14 23.60
CA TYR A 10 19.86 -21.55 23.24
C TYR A 10 20.67 -21.72 24.54
N TYR A 11 21.98 -21.91 24.43
CA TYR A 11 22.85 -22.06 25.59
C TYR A 11 24.13 -21.24 25.30
N PHE A 12 24.29 -20.14 26.03
CA PHE A 12 25.39 -19.23 25.76
C PHE A 12 26.50 -19.35 26.78
N ILE A 13 27.70 -19.59 26.26
CA ILE A 13 28.90 -19.73 27.08
C ILE A 13 29.89 -18.77 26.45
N PRO A 14 30.14 -17.63 27.12
CA PRO A 14 31.08 -16.63 26.60
C PRO A 14 32.49 -17.23 26.44
N THR A 15 33.26 -16.70 25.52
CA THR A 15 34.60 -17.22 25.28
C THR A 15 35.45 -17.37 26.55
N ASN A 16 35.35 -16.42 27.48
CA ASN A 16 36.13 -16.50 28.71
C ASN A 16 35.76 -17.76 29.47
N GLN A 17 34.48 -18.13 29.43
CA GLN A 17 34.08 -19.34 30.14
C GLN A 17 34.54 -20.58 29.41
N ILE A 18 34.66 -20.52 28.09
CA ILE A 18 35.14 -21.68 27.34
C ILE A 18 36.62 -21.87 27.71
N ASN A 19 37.38 -20.79 27.60
CA ASN A 19 38.80 -20.83 27.91
C ASN A 19 39.12 -21.22 29.35
N ASN A 20 38.23 -20.91 30.29
CA ASN A 20 38.49 -21.27 31.69
C ASN A 20 37.44 -22.24 32.20
N TYR A 21 36.89 -23.03 31.29
CA TYR A 21 35.84 -23.97 31.64
C TYR A 21 36.14 -24.85 32.83
N THR A 22 35.16 -24.92 33.72
CA THR A 22 35.25 -25.75 34.91
C THR A 22 33.83 -26.09 35.32
N GLU A 23 33.62 -27.28 35.84
CA GLU A 23 32.28 -27.67 36.25
C GLU A 23 32.15 -27.67 37.75
N THR A 24 33.11 -27.06 38.44
CA THR A 24 33.05 -27.07 39.89
C THR A 24 33.23 -25.71 40.56
N ASP A 25 33.11 -24.64 39.78
CA ASP A 25 33.26 -23.31 40.34
C ASP A 25 32.32 -22.32 39.63
N THR A 26 31.08 -22.26 40.12
CA THR A 26 30.06 -21.36 39.55
C THR A 26 30.55 -19.93 39.55
N SER A 27 31.74 -19.70 40.10
CA SER A 27 32.31 -18.38 40.15
C SER A 27 32.95 -18.09 38.80
N VAL A 28 33.40 -19.15 38.13
CA VAL A 28 34.06 -19.02 36.81
C VAL A 28 33.10 -19.37 35.67
N VAL A 29 32.35 -20.46 35.85
CA VAL A 29 31.35 -20.88 34.88
C VAL A 29 30.12 -21.05 35.74
N PRO A 30 29.23 -20.03 35.74
CA PRO A 30 28.00 -20.06 36.54
C PRO A 30 27.07 -21.24 36.22
N PHE A 31 26.97 -21.59 34.94
CA PHE A 31 26.11 -22.70 34.55
C PHE A 31 26.83 -23.64 33.58
N PRO A 32 27.61 -24.59 34.11
CA PRO A 32 28.32 -25.51 33.20
C PRO A 32 27.42 -26.65 32.75
N VAL A 33 27.85 -27.34 31.70
CA VAL A 33 27.10 -28.45 31.12
C VAL A 33 26.63 -29.50 32.12
N SER A 34 27.44 -29.74 33.17
CA SER A 34 27.06 -30.72 34.16
C SER A 34 25.72 -30.40 34.81
N ASN A 35 25.27 -29.15 34.74
CA ASN A 35 23.95 -28.81 35.32
C ASN A 35 22.84 -29.46 34.53
N ILE A 36 23.15 -29.84 33.30
CA ILE A 36 22.17 -30.48 32.43
C ILE A 36 22.18 -31.97 32.64
N THR A 37 21.39 -32.40 33.60
CA THR A 37 21.28 -33.82 33.97
C THR A 37 20.53 -34.59 32.91
N PRO A 38 20.49 -35.92 33.03
CA PRO A 38 19.79 -36.75 32.04
C PRO A 38 18.32 -36.36 31.94
N ALA A 39 17.73 -36.06 33.09
CA ALA A 39 16.31 -35.67 33.14
C ALA A 39 16.09 -34.38 32.35
N LYS A 40 16.98 -33.40 32.52
CA LYS A 40 16.86 -32.15 31.79
C LYS A 40 17.14 -32.36 30.28
N ALA A 41 18.07 -33.27 29.95
CA ALA A 41 18.37 -33.56 28.55
C ALA A 41 17.13 -34.07 27.85
N LYS A 42 16.30 -34.82 28.57
CA LYS A 42 15.08 -35.38 28.02
C LYS A 42 13.96 -34.32 27.82
N GLN A 43 14.08 -33.21 28.52
CA GLN A 43 13.09 -32.12 28.42
C GLN A 43 13.35 -31.20 27.21
N LEU A 44 14.54 -31.28 26.65
CA LEU A 44 14.92 -30.46 25.50
C LEU A 44 14.84 -31.26 24.20
N THR A 45 14.59 -30.59 23.09
CA THR A 45 14.65 -31.28 21.81
C THR A 45 15.89 -30.72 21.08
N HIS A 46 16.29 -29.50 21.45
CA HIS A 46 17.44 -28.88 20.81
C HIS A 46 18.17 -28.01 21.81
N ILE A 47 19.50 -27.99 21.69
CA ILE A 47 20.33 -27.08 22.46
C ILE A 47 21.13 -26.33 21.37
N ASN A 48 20.98 -25.01 21.34
CA ASN A 48 21.67 -24.20 20.34
C ASN A 48 22.88 -23.58 21.02
N PHE A 49 24.04 -24.19 20.82
CA PHE A 49 25.26 -23.67 21.44
C PHE A 49 25.49 -22.29 20.81
N SER A 50 25.71 -21.28 21.66
CA SER A 50 25.90 -19.90 21.16
C SER A 50 27.18 -19.24 21.75
N PHE A 51 27.94 -18.48 20.96
CA PHE A 51 27.73 -18.19 19.56
C PHE A 51 29.00 -18.40 18.75
N LEU A 52 28.84 -18.84 17.49
CA LEU A 52 29.98 -18.90 16.58
C LEU A 52 29.81 -17.59 15.79
N ASP A 53 30.76 -17.27 14.93
CA ASP A 53 30.68 -16.00 14.23
C ASP A 53 31.07 -16.19 12.78
N ILE A 54 31.17 -15.11 12.03
CA ILE A 54 31.65 -15.19 10.64
C ILE A 54 32.93 -14.34 10.61
N ASN A 55 34.07 -14.98 10.41
CA ASN A 55 35.35 -14.25 10.39
C ASN A 55 35.58 -13.46 9.08
N SER A 56 36.73 -12.79 8.97
CA SER A 56 37.05 -11.99 7.78
C SER A 56 37.38 -12.85 6.56
N ASN A 57 37.66 -14.13 6.77
CA ASN A 57 37.91 -15.02 5.64
C ASN A 57 36.51 -15.37 5.09
N LEU A 58 35.49 -14.72 5.68
CA LEU A 58 34.07 -14.87 5.33
C LEU A 58 33.52 -16.30 5.48
N GLU A 59 34.02 -17.01 6.49
CA GLU A 59 33.61 -18.37 6.78
C GLU A 59 33.15 -18.49 8.23
N CYS A 60 32.33 -19.50 8.50
CA CYS A 60 31.87 -19.73 9.86
C CYS A 60 33.09 -20.10 10.69
N ALA A 61 33.20 -19.56 11.91
CA ALA A 61 34.35 -19.87 12.75
C ALA A 61 34.13 -19.46 14.19
N TRP A 62 34.86 -20.10 15.12
CA TRP A 62 34.77 -19.75 16.54
C TRP A 62 35.49 -18.44 16.76
N ASP A 63 35.12 -17.70 17.81
CA ASP A 63 35.79 -16.45 18.12
C ASP A 63 37.30 -16.74 18.14
N PRO A 64 38.11 -15.86 17.50
CA PRO A 64 39.57 -15.99 17.43
C PRO A 64 40.26 -16.25 18.78
N ALA A 65 39.69 -15.68 19.84
CA ALA A 65 40.26 -15.82 21.18
C ALA A 65 39.97 -17.16 21.84
N THR A 66 39.21 -18.01 21.16
CA THR A 66 38.84 -19.31 21.70
C THR A 66 39.93 -20.37 21.76
N ASN A 67 40.01 -21.06 22.90
CA ASN A 67 40.92 -22.18 23.16
C ASN A 67 40.24 -23.38 22.44
N ASP A 68 40.60 -23.65 21.20
CA ASP A 68 39.96 -24.74 20.42
C ASP A 68 39.80 -26.08 21.12
N ALA A 69 40.69 -26.39 22.06
CA ALA A 69 40.62 -27.67 22.74
C ALA A 69 39.55 -27.67 23.82
N LYS A 70 39.47 -26.58 24.58
CA LYS A 70 38.47 -26.42 25.63
C LYS A 70 37.08 -26.38 24.94
N ALA A 71 37.00 -25.67 23.82
CA ALA A 71 35.77 -25.56 23.07
C ALA A 71 35.29 -26.94 22.60
N ARG A 72 36.16 -27.71 21.96
CA ARG A 72 35.78 -29.04 21.48
C ARG A 72 35.33 -29.87 22.66
N ASP A 73 35.96 -29.66 23.83
CA ASP A 73 35.57 -30.41 25.01
C ASP A 73 34.19 -30.02 25.55
N VAL A 74 33.90 -28.72 25.52
CA VAL A 74 32.61 -28.22 25.99
C VAL A 74 31.54 -28.79 25.05
N VAL A 75 31.80 -28.73 23.75
CA VAL A 75 30.86 -29.26 22.76
C VAL A 75 30.66 -30.78 22.95
N ASN A 76 31.74 -31.50 23.31
CA ASN A 76 31.64 -32.95 23.49
C ASN A 76 30.77 -33.31 24.68
N ARG A 77 30.85 -32.48 25.72
CA ARG A 77 30.03 -32.72 26.89
C ARG A 77 28.55 -32.54 26.48
N LEU A 78 28.29 -31.60 25.58
CA LEU A 78 26.92 -31.36 25.14
C LEU A 78 26.43 -32.53 24.29
N THR A 79 27.23 -32.95 23.32
CA THR A 79 26.79 -34.06 22.45
C THR A 79 26.66 -35.37 23.22
N ALA A 80 27.37 -35.47 24.34
CA ALA A 80 27.30 -36.68 25.19
C ALA A 80 25.91 -36.77 25.79
N LEU A 81 25.22 -35.64 25.87
CA LEU A 81 23.87 -35.63 26.43
C LEU A 81 22.92 -36.42 25.54
N LYS A 82 23.30 -36.60 24.28
CA LYS A 82 22.46 -37.35 23.35
C LYS A 82 22.25 -38.79 23.75
N ALA A 83 23.12 -39.32 24.62
CA ALA A 83 22.98 -40.71 25.09
C ALA A 83 21.67 -40.83 25.88
N HIS A 84 21.25 -39.72 26.49
CA HIS A 84 20.02 -39.74 27.29
C HIS A 84 18.74 -39.34 26.56
N ASN A 85 18.86 -38.83 25.34
CA ASN A 85 17.69 -38.38 24.58
C ASN A 85 17.97 -38.54 23.09
N PRO A 86 17.48 -39.65 22.49
CA PRO A 86 17.69 -39.93 21.05
C PRO A 86 17.07 -38.90 20.09
N SER A 87 16.24 -37.99 20.59
CA SER A 87 15.68 -36.99 19.69
C SER A 87 16.46 -35.69 19.81
N LEU A 88 17.38 -35.62 20.77
CA LEU A 88 18.11 -34.38 21.02
C LEU A 88 19.15 -34.01 19.96
N ARG A 89 19.16 -32.73 19.61
CA ARG A 89 20.12 -32.20 18.65
C ARG A 89 20.93 -31.09 19.30
N ILE A 90 22.25 -31.13 19.17
CA ILE A 90 23.08 -30.02 19.64
C ILE A 90 23.40 -29.16 18.40
N MET A 91 22.69 -28.05 18.24
CA MET A 91 22.89 -27.15 17.11
C MET A 91 23.94 -26.12 17.50
N PHE A 92 24.52 -25.42 16.53
CA PHE A 92 25.37 -24.30 16.92
C PHE A 92 24.73 -23.09 16.24
N SER A 93 24.79 -21.94 16.89
CA SER A 93 24.20 -20.74 16.36
C SER A 93 25.30 -19.73 16.00
N ILE A 94 25.17 -19.14 14.82
CA ILE A 94 26.14 -18.17 14.31
C ILE A 94 25.56 -16.78 14.43
N GLY A 95 26.26 -15.87 15.12
CA GLY A 95 25.73 -14.53 15.19
C GLY A 95 25.49 -14.04 16.60
N GLY A 96 24.23 -13.66 16.86
CA GLY A 96 23.89 -13.10 18.15
C GLY A 96 23.99 -11.56 18.06
N TRP A 97 23.42 -10.84 19.01
CA TRP A 97 23.46 -9.39 18.93
C TRP A 97 24.87 -8.82 18.82
N TYR A 98 25.74 -9.24 19.72
CA TYR A 98 27.10 -8.72 19.78
C TYR A 98 27.88 -8.71 18.45
N TYR A 99 28.03 -9.88 17.84
CA TYR A 99 28.76 -10.01 16.58
C TYR A 99 28.06 -9.44 15.34
N SER A 100 26.76 -9.72 15.21
CA SER A 100 26.03 -9.36 14.01
C SER A 100 25.17 -8.11 13.87
N ASN A 101 24.94 -7.35 14.94
CA ASN A 101 24.10 -6.17 14.78
C ASN A 101 24.77 -5.11 13.88
N ASP A 102 23.95 -4.27 13.24
CA ASP A 102 24.44 -3.22 12.34
C ASP A 102 25.74 -2.56 12.73
N LEU A 103 25.92 -2.31 14.02
CA LEU A 103 27.12 -1.66 14.53
C LEU A 103 28.03 -2.61 15.28
N GLY A 104 27.77 -3.92 15.15
CA GLY A 104 28.56 -4.92 15.84
C GLY A 104 29.94 -5.21 15.28
N VAL A 105 30.77 -5.86 16.10
CA VAL A 105 32.15 -6.20 15.75
C VAL A 105 32.41 -6.99 14.45
N SER A 106 31.42 -7.75 13.95
CA SER A 106 31.64 -8.56 12.75
C SER A 106 30.60 -8.33 11.67
N HIS A 107 29.81 -7.29 11.83
CA HIS A 107 28.73 -7.00 10.87
C HIS A 107 29.12 -7.12 9.40
N ALA A 108 30.23 -6.49 9.04
CA ALA A 108 30.75 -6.51 7.66
C ALA A 108 30.87 -7.93 7.11
N ASN A 109 31.35 -8.84 7.96
CA ASN A 109 31.52 -10.23 7.59
C ASN A 109 30.21 -10.89 7.16
N TYR A 110 29.08 -10.54 7.81
CA TYR A 110 27.79 -11.13 7.43
C TYR A 110 27.34 -10.58 6.09
N VAL A 111 27.47 -9.27 5.93
CA VAL A 111 27.07 -8.62 4.70
C VAL A 111 27.83 -9.17 3.47
N ASN A 112 29.13 -9.37 3.65
CA ASN A 112 29.99 -9.86 2.57
C ASN A 112 29.91 -11.37 2.33
N ALA A 113 29.70 -12.16 3.38
CA ALA A 113 29.64 -13.60 3.22
C ALA A 113 28.52 -14.06 2.30
N VAL A 114 27.43 -13.29 2.26
CA VAL A 114 26.27 -13.64 1.44
C VAL A 114 26.17 -12.85 0.13
N LYS A 115 27.16 -12.00 -0.13
CA LYS A 115 27.16 -11.15 -1.33
C LYS A 115 27.16 -11.86 -2.69
N THR A 116 28.00 -12.89 -2.86
CA THR A 116 28.11 -13.59 -4.14
C THR A 116 27.92 -15.10 -4.14
N PRO A 117 27.61 -15.66 -5.32
CA PRO A 117 27.42 -17.11 -5.39
C PRO A 117 28.66 -17.78 -4.85
N ALA A 118 29.82 -17.18 -5.11
CA ALA A 118 31.09 -17.71 -4.64
C ALA A 118 31.22 -17.58 -3.11
N SER A 119 30.95 -16.37 -2.57
CA SER A 119 31.04 -16.19 -1.12
C SER A 119 30.01 -17.07 -0.43
N ARG A 120 28.81 -17.13 -0.99
CA ARG A 120 27.73 -17.94 -0.43
C ARG A 120 28.12 -19.42 -0.41
N ALA A 121 28.77 -19.89 -1.49
CA ALA A 121 29.19 -21.28 -1.55
C ALA A 121 30.28 -21.53 -0.53
N LYS A 122 31.25 -20.63 -0.44
CA LYS A 122 32.32 -20.82 0.52
C LYS A 122 31.82 -20.74 1.97
N PHE A 123 30.80 -19.93 2.20
CA PHE A 123 30.25 -19.81 3.55
C PHE A 123 29.43 -21.06 3.91
N ALA A 124 28.51 -21.42 3.02
CA ALA A 124 27.67 -22.60 3.22
C ALA A 124 28.56 -23.80 3.55
N GLN A 125 29.60 -23.99 2.75
CA GLN A 125 30.51 -25.10 2.98
C GLN A 125 31.22 -25.01 4.32
N SER A 126 31.60 -23.82 4.77
CA SER A 126 32.26 -23.73 6.08
C SER A 126 31.24 -24.07 7.21
N CYS A 127 29.96 -23.78 6.98
CA CYS A 127 28.92 -24.11 7.98
C CYS A 127 28.85 -25.62 8.18
N VAL A 128 28.73 -26.35 7.07
CA VAL A 128 28.68 -27.80 7.15
C VAL A 128 29.99 -28.39 7.71
N ARG A 129 31.13 -27.81 7.33
CA ARG A 129 32.42 -28.32 7.82
C ARG A 129 32.52 -28.15 9.32
N ILE A 130 32.18 -26.96 9.81
CA ILE A 130 32.22 -26.70 11.24
C ILE A 130 31.27 -27.70 11.93
N MET A 131 30.08 -27.88 11.35
CA MET A 131 29.10 -28.79 11.94
C MET A 131 29.69 -30.19 12.13
N LYS A 132 30.20 -30.75 11.02
CA LYS A 132 30.78 -32.11 11.04
C LYS A 132 32.04 -32.21 11.89
N ASP A 133 32.87 -31.17 11.86
CA ASP A 133 34.11 -31.20 12.62
C ASP A 133 33.92 -31.20 14.15
N TYR A 134 32.93 -30.44 14.64
CA TYR A 134 32.74 -30.39 16.09
C TYR A 134 31.67 -31.33 16.61
N GLY A 135 30.99 -32.01 15.69
CA GLY A 135 29.95 -32.95 16.06
C GLY A 135 28.55 -32.37 16.29
N PHE A 136 28.26 -31.18 15.74
CA PHE A 136 26.94 -30.54 15.88
C PHE A 136 25.90 -31.25 15.02
N ASP A 137 24.63 -31.00 15.30
CA ASP A 137 23.53 -31.62 14.56
C ASP A 137 22.76 -30.71 13.64
N GLY A 138 23.20 -29.46 13.53
CA GLY A 138 22.51 -28.54 12.69
C GLY A 138 23.08 -27.14 12.82
N VAL A 139 22.56 -26.26 11.97
CA VAL A 139 23.00 -24.87 11.85
C VAL A 139 21.86 -23.88 12.12
N ASP A 140 22.10 -22.93 13.03
CA ASP A 140 21.13 -21.89 13.33
C ASP A 140 21.81 -20.57 12.97
N ILE A 141 21.17 -19.73 12.15
CA ILE A 141 21.78 -18.44 11.82
C ILE A 141 21.04 -17.35 12.59
N ASP A 142 21.82 -16.60 13.37
CA ASP A 142 21.28 -15.52 14.19
C ASP A 142 21.86 -14.17 13.78
N TRP A 143 21.54 -13.75 12.56
CA TRP A 143 22.00 -12.44 12.07
C TRP A 143 20.93 -11.40 12.40
N GLU A 144 21.26 -10.44 13.25
CA GLU A 144 20.30 -9.40 13.63
C GLU A 144 20.68 -7.99 13.12
N TYR A 145 20.34 -7.65 11.88
CA TYR A 145 19.56 -8.45 10.95
C TYR A 145 19.93 -8.03 9.54
N PRO A 146 19.81 -8.97 8.58
CA PRO A 146 20.14 -8.58 7.20
C PRO A 146 19.19 -7.44 6.83
N GLN A 147 19.74 -6.36 6.27
CA GLN A 147 18.91 -5.24 5.85
C GLN A 147 18.30 -5.63 4.51
N ALA A 148 17.23 -4.94 4.12
CA ALA A 148 16.48 -5.22 2.89
C ALA A 148 17.28 -5.56 1.62
N ALA A 149 18.44 -4.93 1.45
CA ALA A 149 19.26 -5.16 0.27
C ALA A 149 20.02 -6.48 0.33
N GLU A 150 20.34 -6.90 1.55
CA GLU A 150 21.09 -8.12 1.78
C GLU A 150 20.19 -9.37 1.84
N VAL A 151 18.88 -9.16 1.78
CA VAL A 151 17.95 -10.27 1.88
C VAL A 151 18.08 -11.34 0.79
N ASP A 152 17.95 -10.97 -0.47
CA ASP A 152 18.07 -11.97 -1.53
C ASP A 152 19.34 -12.81 -1.37
N GLY A 153 20.43 -12.19 -0.90
CA GLY A 153 21.66 -12.93 -0.69
C GLY A 153 21.60 -13.88 0.52
N PHE A 154 20.92 -13.41 1.56
CA PHE A 154 20.72 -14.15 2.81
C PHE A 154 19.93 -15.42 2.45
N ILE A 155 18.87 -15.25 1.68
CA ILE A 155 18.00 -16.32 1.22
C ILE A 155 18.77 -17.36 0.40
N ALA A 156 19.59 -16.88 -0.53
CA ALA A 156 20.37 -17.76 -1.38
C ALA A 156 21.30 -18.57 -0.51
N ALA A 157 21.88 -17.93 0.51
CA ALA A 157 22.80 -18.58 1.42
C ALA A 157 22.13 -19.70 2.21
N LEU A 158 20.88 -19.46 2.66
CA LEU A 158 20.12 -20.46 3.41
C LEU A 158 19.77 -21.62 2.46
N GLN A 159 19.40 -21.31 1.23
CA GLN A 159 19.07 -22.33 0.25
C GLN A 159 20.28 -23.22 -0.01
N GLU A 160 21.47 -22.63 -0.12
CA GLU A 160 22.70 -23.41 -0.38
C GLU A 160 23.03 -24.28 0.82
N ILE A 161 22.85 -23.74 2.03
CA ILE A 161 23.13 -24.53 3.23
C ILE A 161 22.18 -25.71 3.27
N ARG A 162 20.90 -25.45 2.98
CA ARG A 162 19.87 -26.48 3.00
C ARG A 162 20.31 -27.61 2.04
N THR A 163 20.69 -27.23 0.83
CA THR A 163 21.17 -28.20 -0.16
C THR A 163 22.29 -29.04 0.40
N LEU A 164 23.31 -28.40 0.95
CA LEU A 164 24.43 -29.15 1.51
C LEU A 164 24.09 -30.06 2.71
N LEU A 165 23.17 -29.60 3.56
CA LEU A 165 22.80 -30.36 4.74
C LEU A 165 21.98 -31.56 4.33
N ASN A 166 21.10 -31.42 3.34
CA ASN A 166 20.31 -32.57 2.89
C ASN A 166 21.25 -33.62 2.33
N GLN A 167 22.22 -33.21 1.53
CA GLN A 167 23.19 -34.18 0.98
C GLN A 167 23.99 -34.86 2.10
N GLN A 168 24.37 -34.08 3.12
CA GLN A 168 25.14 -34.63 4.23
C GLN A 168 24.30 -35.63 5.04
N THR A 169 23.02 -35.35 5.22
CA THR A 169 22.15 -36.25 5.97
C THR A 169 22.14 -37.65 5.28
N ILE A 170 22.02 -37.63 3.96
CA ILE A 170 22.03 -38.88 3.21
C ILE A 170 23.37 -39.55 3.35
N THR A 171 24.43 -38.78 3.19
CA THR A 171 25.79 -39.29 3.29
C THR A 171 26.13 -39.89 4.65
N ASP A 172 25.51 -39.36 5.71
CA ASP A 172 25.75 -39.84 7.06
C ASP A 172 24.66 -40.80 7.59
N GLY A 173 23.72 -41.19 6.73
CA GLY A 173 22.64 -42.08 7.15
C GLY A 173 21.80 -41.52 8.30
N ARG A 174 21.55 -40.22 8.27
CA ARG A 174 20.82 -39.54 9.34
C ARG A 174 19.36 -39.30 9.07
N GLN A 175 18.74 -40.19 8.30
CA GLN A 175 17.33 -40.07 7.99
C GLN A 175 16.48 -39.99 9.26
N ALA A 176 16.91 -40.69 10.30
CA ALA A 176 16.17 -40.75 11.57
C ALA A 176 16.22 -39.41 12.33
N LEU A 177 17.32 -38.67 12.16
CA LEU A 177 17.50 -37.38 12.83
C LEU A 177 18.25 -36.47 11.82
N PRO A 178 17.55 -36.03 10.76
CA PRO A 178 18.15 -35.19 9.74
C PRO A 178 18.83 -33.94 10.27
N TYR A 179 19.90 -33.52 9.61
CA TYR A 179 20.56 -32.28 10.00
C TYR A 179 19.52 -31.18 9.73
N GLN A 180 19.53 -30.16 10.58
CA GLN A 180 18.57 -29.09 10.44
C GLN A 180 19.20 -27.71 10.27
N LEU A 181 18.39 -26.81 9.74
CA LEU A 181 18.76 -25.42 9.51
C LEU A 181 17.61 -24.57 10.05
N THR A 182 17.96 -23.65 10.94
CA THR A 182 16.97 -22.75 11.52
C THR A 182 17.59 -21.34 11.51
N ILE A 183 16.76 -20.32 11.77
CA ILE A 183 17.31 -18.97 11.99
C ILE A 183 16.60 -18.41 13.23
N ALA A 184 17.23 -17.44 13.90
CA ALA A 184 16.57 -16.74 15.01
C ALA A 184 15.98 -15.49 14.29
N GLY A 185 14.66 -15.34 14.27
CA GLY A 185 14.05 -14.21 13.57
C GLY A 185 13.53 -13.11 14.52
N ALA A 186 13.33 -11.90 13.99
CA ALA A 186 12.83 -10.77 14.79
C ALA A 186 11.49 -11.13 15.40
N GLY A 187 11.23 -10.64 16.60
CA GLY A 187 9.94 -10.89 17.23
C GLY A 187 9.17 -9.58 17.42
N GLY A 188 9.62 -8.52 16.72
CA GLY A 188 9.01 -7.20 16.80
C GLY A 188 9.02 -6.58 15.40
N ALA A 189 7.94 -5.90 15.05
CA ALA A 189 7.77 -5.33 13.71
C ALA A 189 8.86 -4.43 13.16
N PHE A 190 9.49 -3.64 14.02
CA PHE A 190 10.52 -2.74 13.53
C PHE A 190 11.66 -3.45 12.79
N PHE A 191 12.29 -4.43 13.43
CA PHE A 191 13.35 -5.17 12.76
C PHE A 191 12.76 -6.18 11.75
N LEU A 192 11.59 -6.71 12.04
CA LEU A 192 10.96 -7.68 11.12
C LEU A 192 10.74 -7.02 9.75
N SER A 193 10.41 -5.71 9.77
CA SER A 193 10.15 -4.96 8.52
C SER A 193 11.28 -5.03 7.51
N ARG A 194 12.48 -5.37 7.96
CA ARG A 194 13.63 -5.47 7.06
C ARG A 194 13.53 -6.58 6.01
N TYR A 195 12.93 -7.71 6.35
CA TYR A 195 12.82 -8.85 5.42
C TYR A 195 11.45 -9.44 5.31
N TYR A 196 10.50 -8.80 5.99
CA TYR A 196 9.14 -9.28 6.04
C TYR A 196 8.53 -9.64 4.70
N SER A 197 8.75 -8.78 3.72
CA SER A 197 8.17 -9.02 2.40
C SER A 197 8.63 -10.34 1.80
N LYS A 198 9.79 -10.85 2.24
CA LYS A 198 10.32 -12.11 1.71
C LYS A 198 10.34 -13.28 2.73
N LEU A 199 9.43 -13.21 3.71
CA LEU A 199 9.33 -14.23 4.73
C LEU A 199 9.18 -15.63 4.18
N ALA A 200 8.31 -15.81 3.17
CA ALA A 200 8.13 -17.14 2.60
C ALA A 200 9.42 -17.73 2.05
N GLN A 201 10.24 -16.91 1.40
CA GLN A 201 11.48 -17.40 0.84
C GLN A 201 12.50 -17.68 1.92
N ILE A 202 12.49 -16.87 2.97
CA ILE A 202 13.43 -17.08 4.06
C ILE A 202 13.10 -18.38 4.81
N VAL A 203 11.81 -18.64 5.03
CA VAL A 203 11.37 -19.80 5.79
C VAL A 203 11.38 -21.14 5.02
N ALA A 204 11.28 -21.08 3.69
CA ALA A 204 11.24 -22.31 2.90
C ALA A 204 12.39 -23.27 3.21
N PRO A 205 13.64 -22.78 3.27
CA PRO A 205 14.73 -23.74 3.55
C PRO A 205 14.94 -24.14 5.00
N LEU A 206 14.09 -23.65 5.89
CA LEU A 206 14.26 -23.92 7.31
C LEU A 206 13.35 -24.99 7.88
N ASP A 207 13.83 -25.61 8.96
CA ASP A 207 13.01 -26.54 9.71
C ASP A 207 12.13 -25.67 10.65
N TYR A 208 12.72 -24.58 11.14
CA TYR A 208 12.03 -23.66 12.05
C TYR A 208 12.58 -22.22 11.95
N ILE A 209 11.72 -21.25 12.31
CA ILE A 209 12.14 -19.87 12.45
C ILE A 209 11.84 -19.56 13.95
N ASN A 210 12.90 -19.33 14.72
CA ASN A 210 12.83 -19.07 16.16
C ASN A 210 12.64 -17.56 16.39
N LEU A 211 11.44 -17.16 16.80
CA LEU A 211 11.11 -15.75 16.98
C LEU A 211 11.62 -15.19 18.32
N MET A 212 12.32 -14.07 18.23
CA MET A 212 12.84 -13.49 19.45
C MET A 212 11.71 -12.65 20.02
N THR A 213 10.67 -13.33 20.52
CA THR A 213 9.55 -12.62 21.05
C THR A 213 9.82 -12.23 22.49
N TYR A 214 10.87 -11.43 22.65
CA TYR A 214 11.28 -10.88 23.94
C TYR A 214 12.08 -9.62 23.64
N ASP A 215 12.57 -8.93 24.68
CA ASP A 215 13.23 -7.63 24.45
C ASP A 215 12.23 -6.68 23.75
N LEU A 216 10.93 -6.89 23.95
CA LEU A 216 9.92 -6.02 23.34
C LEU A 216 9.75 -4.75 24.20
N ALA A 217 10.55 -4.63 25.26
CA ALA A 217 10.53 -3.46 26.14
C ALA A 217 11.94 -3.38 26.70
N GLY A 218 12.38 -2.19 27.10
CA GLY A 218 13.71 -2.06 27.66
C GLY A 218 14.05 -0.61 27.97
N PRO A 219 15.14 -0.34 28.70
CA PRO A 219 15.55 1.02 29.06
C PRO A 219 15.71 2.01 27.91
N TRP A 220 15.81 1.49 26.67
CA TRP A 220 15.94 2.32 25.50
C TRP A 220 14.60 2.91 25.12
N GLU A 221 13.54 2.44 25.79
CA GLU A 221 12.18 2.93 25.57
C GLU A 221 11.89 3.90 26.72
N LYS A 222 11.07 4.92 26.45
CA LYS A 222 10.72 5.95 27.43
C LYS A 222 9.76 5.50 28.53
N VAL A 223 8.90 4.55 28.20
CA VAL A 223 7.91 4.03 29.13
C VAL A 223 8.26 2.59 29.54
N THR A 224 8.18 2.28 30.85
CA THR A 224 8.46 0.91 31.28
C THR A 224 7.33 0.05 30.72
N ASN A 225 7.66 -1.20 30.39
CA ASN A 225 6.64 -2.06 29.83
C ASN A 225 7.10 -3.51 29.98
N HIS A 226 6.19 -4.44 29.69
CA HIS A 226 6.52 -5.87 29.76
C HIS A 226 7.34 -6.18 28.51
N GLN A 227 8.43 -6.93 28.66
CA GLN A 227 9.29 -7.25 27.50
C GLN A 227 8.80 -8.41 26.65
N ALA A 228 7.83 -9.18 27.16
CA ALA A 228 7.32 -10.32 26.39
C ALA A 228 5.83 -10.56 26.69
N ALA A 229 5.03 -9.50 26.62
CA ALA A 229 3.59 -9.61 26.87
C ALA A 229 3.00 -10.58 25.88
N LEU A 230 2.18 -11.52 26.33
CA LEU A 230 1.54 -12.46 25.38
C LEU A 230 0.48 -11.66 24.58
N PHE A 231 -0.40 -10.96 25.29
CA PHE A 231 -1.43 -10.12 24.65
C PHE A 231 -1.32 -8.68 25.11
N GLY A 232 -2.04 -7.77 24.44
CA GLY A 232 -1.94 -6.39 24.80
C GLY A 232 -2.77 -5.88 25.96
N ASP A 233 -2.26 -4.85 26.60
CA ASP A 233 -2.89 -4.16 27.72
C ASP A 233 -3.18 -2.74 27.19
N ALA A 234 -4.46 -2.38 27.05
CA ALA A 234 -4.84 -1.05 26.54
C ALA A 234 -4.21 0.09 27.35
N ALA A 235 -3.83 -0.19 28.59
CA ALA A 235 -3.20 0.83 29.40
C ALA A 235 -1.71 0.96 29.11
N GLY A 236 -1.14 0.00 28.37
CA GLY A 236 0.29 0.10 28.08
C GLY A 236 0.60 0.91 26.83
N PRO A 237 1.89 1.12 26.52
CA PRO A 237 2.22 1.89 25.32
C PRO A 237 1.84 1.13 24.05
N THR A 238 1.69 1.87 22.98
CA THR A 238 1.37 1.30 21.68
C THR A 238 2.46 1.79 20.75
N PHE A 239 2.62 1.12 19.62
CA PHE A 239 3.69 1.46 18.68
C PHE A 239 3.29 1.56 17.23
N TYR A 240 4.11 2.28 16.48
CA TYR A 240 3.90 2.46 15.04
C TYR A 240 4.09 1.09 14.36
N ASN A 241 3.13 0.66 13.54
CA ASN A 241 3.25 -0.64 12.86
C ASN A 241 4.12 -0.56 11.61
N ALA A 242 5.40 -0.82 11.81
CA ALA A 242 6.41 -0.74 10.77
C ALA A 242 6.17 -1.56 9.51
N LEU A 243 5.42 -2.64 9.63
CA LEU A 243 5.17 -3.54 8.49
C LEU A 243 4.36 -2.91 7.36
N ARG A 244 3.56 -1.89 7.69
CA ARG A 244 2.77 -1.20 6.66
C ARG A 244 3.72 -0.47 5.68
N GLU A 245 4.98 -0.29 6.07
CA GLU A 245 5.98 0.37 5.24
C GLU A 245 6.88 -0.65 4.50
N ALA A 246 6.63 -1.94 4.68
CA ALA A 246 7.43 -2.98 4.00
C ALA A 246 7.14 -2.96 2.50
N ASN A 247 8.14 -3.30 1.68
CA ASN A 247 7.92 -3.29 0.25
C ASN A 247 7.15 -4.54 -0.16
N LEU A 248 5.86 -4.48 0.13
CA LEU A 248 4.91 -5.56 -0.13
C LEU A 248 4.11 -5.39 -1.41
N GLY A 249 4.07 -4.15 -1.91
CA GLY A 249 3.33 -3.86 -3.12
C GLY A 249 1.82 -4.02 -2.96
N TRP A 250 1.32 -3.98 -1.72
CA TRP A 250 -0.12 -4.12 -1.46
C TRP A 250 -0.79 -2.73 -1.51
N SER A 251 -2.12 -2.74 -1.62
CA SER A 251 -2.90 -1.50 -1.67
C SER A 251 -3.07 -0.92 -0.29
N TRP A 252 -3.47 0.35 -0.22
CA TRP A 252 -3.67 0.99 1.07
C TRP A 252 -4.63 0.17 1.91
N GLU A 253 -5.70 -0.28 1.27
CA GLU A 253 -6.71 -1.07 1.95
C GLU A 253 -6.12 -2.39 2.49
N GLU A 254 -5.28 -3.04 1.70
CA GLU A 254 -4.68 -4.29 2.12
C GLU A 254 -3.70 -4.05 3.27
N LEU A 255 -2.87 -3.03 3.14
CA LEU A 255 -1.91 -2.71 4.20
C LEU A 255 -2.60 -2.34 5.52
N THR A 256 -3.65 -1.53 5.44
CA THR A 256 -4.35 -1.08 6.64
C THR A 256 -5.02 -2.21 7.43
N ARG A 257 -5.63 -3.16 6.72
CA ARG A 257 -6.28 -4.23 7.44
C ARG A 257 -5.26 -5.27 7.94
N ALA A 258 -4.07 -5.32 7.36
CA ALA A 258 -3.11 -6.30 7.84
C ALA A 258 -2.27 -5.69 8.97
N PHE A 259 -2.06 -4.38 8.89
CA PHE A 259 -1.20 -3.72 9.86
C PHE A 259 -1.79 -2.56 10.65
N PRO A 260 -2.70 -2.88 11.59
CA PRO A 260 -3.31 -1.81 12.40
C PRO A 260 -2.21 -0.99 13.09
N SER A 261 -2.38 0.32 13.16
CA SER A 261 -1.36 1.17 13.78
C SER A 261 -1.96 2.41 14.45
N PRO A 262 -1.52 2.73 15.68
CA PRO A 262 -0.50 1.94 16.38
C PRO A 262 -1.08 0.62 16.90
N PHE A 263 -0.22 -0.23 17.43
CA PHE A 263 -0.64 -1.54 17.91
C PHE A 263 0.18 -1.92 19.15
N SER A 264 -0.21 -3.00 19.81
CA SER A 264 0.51 -3.44 21.00
C SER A 264 1.60 -4.44 20.60
N LEU A 265 2.83 -4.12 21.00
CA LEU A 265 4.01 -4.93 20.68
C LEU A 265 3.99 -6.14 21.65
N THR A 266 3.45 -7.25 21.16
CA THR A 266 3.28 -8.44 21.98
C THR A 266 3.76 -9.70 21.26
N VAL A 267 3.85 -10.80 22.02
CA VAL A 267 4.25 -12.08 21.44
C VAL A 267 3.20 -12.52 20.42
N ASP A 268 1.92 -12.30 20.74
CA ASP A 268 0.83 -12.68 19.82
C ASP A 268 0.92 -11.85 18.49
N ALA A 269 1.29 -10.58 18.62
CA ALA A 269 1.45 -9.75 17.43
C ALA A 269 2.48 -10.36 16.50
N ALA A 270 3.67 -10.67 17.02
CA ALA A 270 4.71 -11.23 16.17
C ALA A 270 4.27 -12.55 15.47
N VAL A 271 3.64 -13.44 16.22
CA VAL A 271 3.19 -14.73 15.67
C VAL A 271 2.16 -14.53 14.52
N GLN A 272 1.16 -13.72 14.82
CA GLN A 272 0.11 -13.40 13.85
C GLN A 272 0.70 -12.72 12.63
N GLN A 273 1.67 -11.83 12.86
CA GLN A 273 2.31 -11.17 11.74
C GLN A 273 3.01 -12.19 10.83
N HIS A 274 3.55 -13.26 11.40
CA HIS A 274 4.18 -14.27 10.53
C HIS A 274 3.12 -15.12 9.80
N LEU A 275 2.06 -15.49 10.51
CA LEU A 275 1.00 -16.31 9.92
C LEU A 275 0.25 -15.60 8.79
N MET A 276 0.23 -14.26 8.81
CA MET A 276 -0.45 -13.47 7.77
C MET A 276 0.19 -13.60 6.39
N MET A 277 1.44 -14.03 6.34
CA MET A 277 2.14 -14.19 5.06
C MET A 277 1.90 -15.57 4.48
N GLU A 278 1.71 -15.63 3.17
CA GLU A 278 1.47 -16.92 2.50
C GLU A 278 2.80 -17.67 2.48
N GLY A 279 2.74 -18.99 2.61
CA GLY A 279 3.96 -19.78 2.59
C GLY A 279 4.75 -19.81 3.89
N VAL A 280 4.13 -19.38 4.99
CA VAL A 280 4.81 -19.44 6.29
C VAL A 280 3.95 -20.35 7.14
N PRO A 281 4.25 -21.66 7.13
CA PRO A 281 3.48 -22.64 7.90
C PRO A 281 3.61 -22.46 9.42
N SER A 282 2.50 -22.62 10.13
CA SER A 282 2.49 -22.46 11.57
C SER A 282 3.45 -23.47 12.21
N ALA A 283 3.56 -24.66 11.62
CA ALA A 283 4.44 -25.69 12.18
C ALA A 283 5.94 -25.30 12.23
N LYS A 284 6.35 -24.34 11.43
CA LYS A 284 7.74 -23.93 11.44
C LYS A 284 7.95 -22.74 12.37
N ILE A 285 6.88 -22.18 12.92
CA ILE A 285 7.08 -21.04 13.82
C ILE A 285 7.30 -21.52 15.25
N VAL A 286 8.38 -21.01 15.85
CA VAL A 286 8.72 -21.36 17.22
C VAL A 286 8.72 -20.06 18.06
N MET A 287 7.96 -20.07 19.14
CA MET A 287 7.85 -18.87 19.99
C MET A 287 9.01 -18.78 20.98
N GLY A 288 9.77 -17.68 20.93
CA GLY A 288 10.84 -17.57 21.91
C GLY A 288 10.35 -16.97 23.24
N VAL A 289 10.97 -17.38 24.35
CA VAL A 289 10.62 -16.82 25.65
C VAL A 289 11.94 -16.48 26.35
N PRO A 290 11.93 -15.48 27.24
CA PRO A 290 13.15 -15.11 27.96
C PRO A 290 13.31 -15.85 29.31
N PHE A 291 14.55 -16.22 29.64
CA PHE A 291 14.83 -16.83 30.95
C PHE A 291 15.52 -15.74 31.81
N TYR A 292 15.30 -14.48 31.45
CA TYR A 292 15.92 -13.36 32.16
C TYR A 292 14.91 -12.22 32.22
N GLY A 293 15.13 -11.26 33.12
CA GLY A 293 14.24 -10.10 33.21
C GLY A 293 15.00 -8.81 32.91
N ARG A 294 14.30 -7.72 32.65
CA ARG A 294 14.96 -6.45 32.39
C ARG A 294 14.49 -5.51 33.51
N ALA A 295 15.42 -4.77 34.12
CA ALA A 295 15.07 -3.89 35.24
C ALA A 295 15.24 -2.42 34.88
N PHE A 296 14.36 -1.59 35.45
CA PHE A 296 14.32 -0.14 35.24
C PHE A 296 14.35 0.55 36.63
N LYS A 297 14.99 1.70 36.74
CA LYS A 297 15.03 2.43 38.01
C LYS A 297 14.35 3.77 37.82
N GLY A 298 14.07 4.41 38.95
CA GLY A 298 13.44 5.72 38.93
C GLY A 298 12.04 5.72 38.40
N VAL A 299 11.31 4.63 38.62
CA VAL A 299 9.94 4.58 38.12
C VAL A 299 9.04 5.14 39.21
N SER A 300 7.89 5.66 38.80
CA SER A 300 6.90 6.21 39.73
C SER A 300 5.89 5.12 40.10
N GLY A 301 5.00 5.41 41.03
CA GLY A 301 4.02 4.42 41.43
C GLY A 301 2.63 4.60 40.86
N GLY A 302 1.70 3.77 41.33
CA GLY A 302 0.32 3.88 40.87
C GLY A 302 -0.15 2.74 39.99
N ASN A 303 0.81 2.01 39.41
CA ASN A 303 0.49 0.88 38.55
C ASN A 303 1.53 -0.22 38.73
N GLY A 304 2.15 -0.24 39.90
CA GLY A 304 3.16 -1.25 40.16
C GLY A 304 4.41 -1.08 39.33
N GLY A 305 4.67 0.13 38.87
CA GLY A 305 5.86 0.36 38.09
C GLY A 305 5.64 0.26 36.58
N GLN A 306 4.51 -0.30 36.17
CA GLN A 306 4.16 -0.45 34.75
C GLN A 306 3.82 0.88 34.08
N TYR A 307 4.28 1.02 32.84
CA TYR A 307 4.02 2.19 32.01
C TYR A 307 4.43 3.52 32.64
N SER A 308 5.59 3.54 33.27
CA SER A 308 6.07 4.74 33.92
C SER A 308 7.34 5.25 33.27
N SER A 309 7.55 6.57 33.38
CA SER A 309 8.77 7.17 32.88
C SER A 309 9.84 6.62 33.86
N HIS A 310 11.10 6.66 33.46
CA HIS A 310 12.16 6.12 34.30
C HIS A 310 13.46 6.85 34.04
N SER A 311 14.51 6.48 34.78
CA SER A 311 15.80 7.14 34.62
C SER A 311 16.90 6.10 34.43
N THR A 312 16.62 5.11 33.58
CA THR A 312 17.56 4.05 33.31
C THR A 312 18.36 4.31 32.03
N PRO A 313 19.70 4.23 32.10
CA PRO A 313 20.54 4.44 30.91
C PRO A 313 20.16 3.35 29.89
N GLY A 314 20.08 3.70 28.60
CA GLY A 314 19.72 2.71 27.60
C GLY A 314 20.88 2.19 26.75
N GLU A 315 22.03 2.84 26.81
CA GLU A 315 23.19 2.44 26.01
C GLU A 315 23.99 1.24 26.53
N ASP A 316 24.69 0.58 25.62
CA ASP A 316 25.56 -0.56 25.91
C ASP A 316 26.98 -0.13 25.52
N PRO A 317 27.97 -0.39 26.39
CA PRO A 317 27.82 -1.05 27.68
C PRO A 317 27.14 -0.15 28.73
N TYR A 318 26.81 -0.71 29.90
CA TYR A 318 26.17 0.05 30.97
C TYR A 318 27.08 1.25 31.22
N PRO A 319 26.60 2.47 30.94
CA PRO A 319 27.39 3.70 31.13
C PRO A 319 27.62 4.19 32.56
N SER A 320 27.79 3.27 33.51
CA SER A 320 28.00 3.67 34.90
C SER A 320 28.52 2.54 35.80
N THR A 321 28.83 2.88 37.04
CA THR A 321 29.32 1.90 38.02
C THR A 321 28.30 1.77 39.14
N ASP A 322 27.16 2.42 38.96
CA ASP A 322 26.09 2.37 39.94
C ASP A 322 25.25 1.10 39.72
N TYR A 323 25.42 0.13 40.60
CA TYR A 323 24.66 -1.13 40.53
C TYR A 323 23.48 -1.05 41.50
N TRP A 324 22.41 -0.45 41.00
CA TRP A 324 21.18 -0.21 41.74
C TRP A 324 20.12 -1.30 41.84
N LEU A 325 20.35 -2.48 41.25
CA LEU A 325 19.33 -3.52 41.33
C LEU A 325 19.54 -4.23 42.65
N VAL A 326 18.86 -3.72 43.68
CA VAL A 326 18.98 -4.28 45.03
C VAL A 326 18.85 -5.80 45.07
N GLY A 327 19.88 -6.44 45.61
CA GLY A 327 19.88 -7.89 45.74
C GLY A 327 20.44 -8.67 44.56
N CYS A 328 20.77 -7.97 43.48
CA CYS A 328 21.30 -8.66 42.31
C CYS A 328 22.83 -8.69 42.30
N GLU A 329 23.38 -9.74 42.91
CA GLU A 329 24.83 -9.92 43.00
C GLU A 329 25.40 -10.26 41.62
N GLU A 330 24.58 -10.90 40.80
CA GLU A 330 24.98 -11.26 39.45
C GLU A 330 25.21 -9.97 38.62
N CYS A 331 24.42 -8.95 38.89
CA CYS A 331 24.54 -7.66 38.20
C CYS A 331 25.87 -7.00 38.53
N VAL A 332 26.34 -7.24 39.76
CA VAL A 332 27.63 -6.70 40.19
C VAL A 332 28.70 -7.48 39.45
N ARG A 333 28.57 -8.81 39.41
CA ARG A 333 29.54 -9.62 38.70
C ARG A 333 29.59 -9.28 37.22
N ASP A 334 28.45 -9.00 36.60
CA ASP A 334 28.46 -8.71 35.17
C ASP A 334 28.39 -7.22 34.79
N LYS A 335 28.49 -6.39 35.82
CA LYS A 335 28.48 -4.93 35.67
C LYS A 335 27.30 -4.30 34.94
N ASP A 336 26.11 -4.89 35.06
CA ASP A 336 24.92 -4.33 34.43
C ASP A 336 23.71 -4.65 35.32
N PRO A 337 23.09 -3.63 35.93
CA PRO A 337 21.94 -3.87 36.80
C PRO A 337 20.65 -3.86 35.99
N ARG A 338 20.73 -3.76 34.67
CA ARG A 338 19.50 -3.70 33.87
C ARG A 338 18.98 -5.08 33.41
N ILE A 339 19.72 -6.13 33.74
CA ILE A 339 19.37 -7.50 33.36
C ILE A 339 19.69 -8.44 34.48
N ALA A 340 18.84 -9.47 34.65
CA ALA A 340 19.03 -10.50 35.67
C ALA A 340 18.40 -11.80 35.22
N SER A 341 19.12 -12.90 35.42
CA SER A 341 18.63 -14.24 35.07
C SER A 341 17.44 -14.60 35.95
N TYR A 342 16.58 -15.50 35.48
CA TYR A 342 15.48 -15.93 36.31
C TYR A 342 16.06 -16.50 37.62
N ARG A 343 17.20 -17.18 37.54
CA ARG A 343 17.82 -17.75 38.74
C ARG A 343 18.05 -16.64 39.78
N GLN A 344 18.66 -15.53 39.35
CA GLN A 344 18.93 -14.41 40.23
C GLN A 344 17.64 -13.78 40.74
N LEU A 345 16.67 -13.54 39.83
CA LEU A 345 15.37 -12.95 40.22
C LEU A 345 14.70 -13.73 41.35
N GLU A 346 14.73 -15.04 41.24
CA GLU A 346 14.18 -15.90 42.26
C GLU A 346 14.94 -15.65 43.58
N GLN A 347 16.27 -15.62 43.52
CA GLN A 347 17.04 -15.36 44.73
C GLN A 347 16.70 -13.97 45.31
N MET A 348 16.44 -12.99 44.45
CA MET A 348 16.07 -11.66 44.93
C MET A 348 14.71 -11.69 45.63
N LEU A 349 13.80 -12.51 45.10
CA LEU A 349 12.48 -12.62 45.70
C LEU A 349 12.56 -13.33 47.04
N GLN A 350 13.37 -14.39 47.11
CA GLN A 350 13.51 -15.15 48.34
C GLN A 350 14.15 -14.35 49.48
N GLY A 351 14.92 -13.31 49.13
CA GLY A 351 15.53 -12.47 50.16
C GLY A 351 14.55 -11.35 50.48
N ASN A 352 14.77 -10.60 51.55
CA ASN A 352 13.84 -9.52 51.86
C ASN A 352 14.46 -8.24 51.34
N TYR A 353 14.25 -7.97 50.04
CA TYR A 353 14.81 -6.77 49.44
C TYR A 353 13.70 -5.80 49.10
N GLY A 354 12.48 -6.11 49.51
CA GLY A 354 11.37 -5.22 49.24
C GLY A 354 10.65 -5.40 47.90
N TYR A 355 10.96 -6.45 47.15
CA TYR A 355 10.30 -6.66 45.87
C TYR A 355 8.92 -7.30 46.04
N GLN A 356 7.92 -6.78 45.35
CA GLN A 356 6.59 -7.37 45.38
C GLN A 356 6.43 -8.01 43.99
N ARG A 357 6.00 -9.26 43.92
CA ARG A 357 5.78 -9.90 42.63
C ARG A 357 4.33 -9.62 42.28
N LEU A 358 4.11 -8.93 41.17
CA LEU A 358 2.76 -8.63 40.73
C LEU A 358 2.47 -9.42 39.45
N TRP A 359 1.22 -9.39 39.01
CA TRP A 359 0.81 -10.14 37.81
C TRP A 359 -0.15 -9.30 36.96
N ASN A 360 0.05 -9.28 35.64
CA ASN A 360 -0.84 -8.55 34.76
C ASN A 360 -1.67 -9.63 34.03
N ASP A 361 -2.98 -9.63 34.27
CA ASP A 361 -3.86 -10.63 33.72
C ASP A 361 -4.28 -10.42 32.27
N LYS A 362 -3.82 -9.31 31.68
CA LYS A 362 -4.10 -9.00 30.27
C LYS A 362 -2.90 -9.54 29.45
N THR A 363 -1.69 -9.12 29.83
CA THR A 363 -0.47 -9.56 29.14
C THR A 363 -0.06 -10.96 29.58
N LYS A 364 -0.65 -11.43 30.69
CA LYS A 364 -0.36 -12.76 31.25
C LYS A 364 1.14 -12.93 31.55
N THR A 365 1.70 -11.94 32.22
CA THR A 365 3.10 -11.98 32.60
C THR A 365 3.29 -11.34 33.97
N PRO A 366 4.34 -11.79 34.71
CA PRO A 366 4.65 -11.27 36.05
C PRO A 366 5.59 -10.08 35.94
N TYR A 367 5.73 -9.35 37.03
CA TYR A 367 6.64 -8.23 37.07
C TYR A 367 6.93 -7.98 38.54
N LEU A 368 8.08 -7.38 38.80
CA LEU A 368 8.43 -7.05 40.15
C LEU A 368 8.36 -5.54 40.33
N TYR A 369 7.96 -5.12 41.53
CA TYR A 369 7.89 -3.69 41.85
C TYR A 369 8.57 -3.46 43.20
N HIS A 370 9.50 -2.53 43.24
CA HIS A 370 10.22 -2.20 44.47
C HIS A 370 9.80 -0.77 44.80
N ALA A 371 8.73 -0.64 45.57
CA ALA A 371 8.21 0.67 45.94
C ALA A 371 9.25 1.62 46.57
N GLN A 372 10.10 1.09 47.45
CA GLN A 372 11.08 1.95 48.11
C GLN A 372 12.05 2.66 47.17
N ASN A 373 12.72 1.91 46.29
CA ASN A 373 13.67 2.55 45.39
C ASN A 373 13.13 2.85 44.01
N GLY A 374 11.84 2.56 43.80
CA GLY A 374 11.24 2.82 42.50
C GLY A 374 11.87 1.95 41.41
N LEU A 375 11.77 0.64 41.55
CA LEU A 375 12.34 -0.28 40.52
C LEU A 375 11.21 -1.11 39.91
N PHE A 376 11.39 -1.48 38.65
CA PHE A 376 10.40 -2.30 37.94
C PHE A 376 11.19 -3.30 37.12
N VAL A 377 10.79 -4.57 37.20
CA VAL A 377 11.46 -5.64 36.48
C VAL A 377 10.39 -6.42 35.72
N THR A 378 10.60 -6.62 34.43
CA THR A 378 9.67 -7.39 33.63
C THR A 378 10.37 -8.70 33.32
N TYR A 379 9.70 -9.82 33.57
CA TYR A 379 10.34 -11.11 33.31
C TYR A 379 9.26 -12.15 33.07
N ASP A 380 9.68 -13.37 32.80
CA ASP A 380 8.72 -14.47 32.62
C ASP A 380 8.95 -15.57 33.67
N ASP A 381 7.95 -16.41 33.92
CA ASP A 381 8.11 -17.50 34.88
C ASP A 381 7.23 -18.68 34.49
N ALA A 382 7.19 -19.73 35.32
CA ALA A 382 6.39 -20.91 34.98
C ALA A 382 4.92 -20.60 34.76
N GLU A 383 4.42 -19.55 35.40
CA GLU A 383 3.02 -19.18 35.25
C GLU A 383 2.76 -18.55 33.86
N SER A 384 3.57 -17.57 33.46
CA SER A 384 3.38 -16.95 32.14
C SER A 384 3.60 -18.05 31.08
N PHE A 385 4.46 -19.02 31.38
CA PHE A 385 4.71 -20.09 30.42
C PHE A 385 3.49 -21.00 30.18
N LYS A 386 2.53 -21.00 31.12
CA LYS A 386 1.31 -21.80 30.94
C LYS A 386 0.50 -21.22 29.80
N TYR A 387 0.31 -19.90 29.78
CA TYR A 387 -0.43 -19.22 28.72
C TYR A 387 0.29 -19.29 27.39
N LYS A 388 1.61 -19.10 27.39
CA LYS A 388 2.35 -19.19 26.13
C LYS A 388 2.32 -20.61 25.56
N ALA A 389 2.42 -21.61 26.44
CA ALA A 389 2.42 -23.00 25.98
C ALA A 389 1.06 -23.33 25.36
N LYS A 390 -0.02 -22.87 25.99
CA LYS A 390 -1.36 -23.12 25.45
C LYS A 390 -1.54 -22.40 24.13
N TYR A 391 -1.01 -21.19 24.03
CA TYR A 391 -1.08 -20.40 22.80
C TYR A 391 -0.40 -21.17 21.67
N ILE A 392 0.80 -21.70 21.95
CA ILE A 392 1.56 -22.50 20.98
C ILE A 392 0.73 -23.71 20.49
N LYS A 393 -0.06 -24.30 21.39
CA LYS A 393 -0.84 -25.45 20.99
C LYS A 393 -2.03 -25.01 20.14
N GLN A 394 -2.73 -23.98 20.60
CA GLN A 394 -3.91 -23.45 19.91
C GLN A 394 -3.59 -22.98 18.50
N GLN A 395 -2.47 -22.27 18.37
CA GLN A 395 -2.02 -21.74 17.09
C GLN A 395 -1.25 -22.72 16.24
N GLN A 396 -1.11 -23.94 16.73
CA GLN A 396 -0.39 -25.00 16.00
C GLN A 396 1.04 -24.62 15.58
N LEU A 397 1.75 -23.97 16.50
CA LEU A 397 3.13 -23.56 16.24
C LEU A 397 4.06 -24.76 16.44
N GLY A 398 5.27 -24.63 15.93
CA GLY A 398 6.24 -25.70 16.03
C GLY A 398 6.74 -26.00 17.43
N GLY A 399 6.74 -25.02 18.31
CA GLY A 399 7.23 -25.31 19.66
C GLY A 399 7.66 -24.02 20.33
N VAL A 400 8.53 -24.13 21.32
CA VAL A 400 8.99 -22.96 22.07
C VAL A 400 10.51 -22.95 21.99
N MET A 401 11.11 -21.78 22.14
CA MET A 401 12.58 -21.65 22.13
C MET A 401 12.84 -20.70 23.27
N PHE A 402 14.05 -20.72 23.86
CA PHE A 402 14.31 -19.77 24.92
C PHE A 402 15.75 -19.31 25.00
N TRP A 403 15.91 -18.08 25.53
CA TRP A 403 17.21 -17.48 25.75
C TRP A 403 17.31 -17.13 27.23
N HIS A 404 18.21 -17.79 27.98
CA HIS A 404 18.98 -18.96 27.48
C HIS A 404 19.10 -19.90 28.66
N LEU A 405 19.37 -21.17 28.34
CA LEU A 405 19.45 -22.23 29.34
C LEU A 405 20.21 -21.91 30.63
N GLY A 406 21.38 -21.31 30.47
CA GLY A 406 22.20 -20.98 31.63
C GLY A 406 21.60 -19.98 32.60
N GLN A 407 20.42 -19.44 32.31
CA GLN A 407 19.77 -18.47 33.20
C GLN A 407 18.63 -19.07 34.02
N ASP A 408 18.36 -20.36 33.80
CA ASP A 408 17.32 -21.06 34.54
C ASP A 408 17.83 -21.31 35.96
N ASN A 409 16.96 -21.67 36.90
CA ASN A 409 17.49 -21.93 38.25
C ASN A 409 18.18 -23.31 38.33
N ARG A 410 18.91 -23.57 39.41
CA ARG A 410 19.61 -24.85 39.51
C ARG A 410 18.68 -26.05 39.34
N ASN A 411 17.43 -25.92 39.79
CA ASN A 411 16.50 -27.02 39.64
C ASN A 411 15.96 -27.15 38.20
N GLY A 412 16.32 -26.23 37.31
CA GLY A 412 15.80 -26.27 35.94
C GLY A 412 14.28 -26.14 35.90
N ASP A 413 13.72 -25.31 36.78
CA ASP A 413 12.25 -25.16 36.80
C ASP A 413 11.61 -24.59 35.52
N LEU A 414 12.23 -23.60 34.87
CA LEU A 414 11.61 -23.01 33.67
C LEU A 414 11.55 -24.06 32.54
N LEU A 415 12.67 -24.76 32.35
CA LEU A 415 12.73 -25.80 31.33
C LEU A 415 11.73 -26.91 31.65
N ALA A 416 11.66 -27.29 32.93
CA ALA A 416 10.73 -28.37 33.32
C ALA A 416 9.28 -27.99 33.05
N ALA A 417 8.94 -26.73 33.35
CA ALA A 417 7.58 -26.21 33.14
C ALA A 417 7.20 -26.34 31.66
N LEU A 418 8.09 -25.85 30.79
CA LEU A 418 7.86 -25.92 29.36
C LEU A 418 7.60 -27.36 28.92
N ASP A 419 8.45 -28.29 29.35
CA ASP A 419 8.29 -29.69 28.94
C ASP A 419 6.99 -30.28 29.47
N ARG A 420 6.68 -29.93 30.71
CA ARG A 420 5.44 -30.38 31.38
C ARG A 420 4.19 -29.93 30.60
N TYR A 421 4.15 -28.66 30.17
CA TYR A 421 2.95 -28.15 29.51
C TYR A 421 2.66 -28.79 28.17
N PHE A 422 3.70 -29.31 27.56
CA PHE A 422 3.52 -29.95 26.26
C PHE A 422 3.39 -31.44 26.38
N ASN A 423 4.10 -32.04 27.33
CA ASN A 423 4.13 -33.49 27.41
C ASN A 423 3.64 -34.28 28.61
N ALA A 424 3.47 -33.65 29.75
CA ALA A 424 3.04 -34.38 30.94
C ALA A 424 1.61 -34.88 30.83
N ALA A 425 1.47 -36.18 31.07
CA ALA A 425 0.15 -36.81 31.03
C ALA A 425 -0.78 -36.23 32.12
N ASP A 426 -0.21 -35.74 33.22
CA ASP A 426 -1.07 -35.22 34.29
C ASP A 426 -1.25 -33.70 34.37
N TYR A 427 -0.89 -33.01 33.29
CA TYR A 427 -1.07 -31.57 33.22
C TYR A 427 -2.20 -31.37 32.23
N ASP A 428 -3.19 -30.61 32.65
CA ASP A 428 -4.38 -30.38 31.83
C ASP A 428 -4.70 -28.89 31.80
N ASP A 429 -4.45 -28.24 30.65
CA ASP A 429 -4.73 -26.81 30.54
C ASP A 429 -6.04 -26.50 29.79
N SER A 430 -6.92 -27.50 29.71
CA SER A 430 -8.17 -27.31 28.98
C SER A 430 -9.00 -26.17 29.54
N GLN A 431 -8.93 -25.93 30.85
CA GLN A 431 -9.69 -24.87 31.48
C GLN A 431 -8.89 -23.57 31.65
N LEU A 432 -7.64 -23.54 31.17
CA LEU A 432 -6.83 -22.33 31.34
C LEU A 432 -7.45 -21.17 30.56
N ASP A 433 -7.71 -20.06 31.23
CA ASP A 433 -8.34 -18.93 30.53
C ASP A 433 -7.33 -17.94 29.95
N MET A 434 -7.35 -17.79 28.64
CA MET A 434 -6.41 -16.89 27.95
C MET A 434 -6.66 -15.40 28.17
N GLY A 435 -7.79 -15.06 28.80
CA GLY A 435 -8.07 -13.68 29.12
C GLY A 435 -8.61 -12.74 28.07
N THR A 436 -8.60 -11.46 28.40
CA THR A 436 -9.13 -10.48 27.49
C THR A 436 -8.11 -9.47 27.00
N GLY A 437 -6.82 -9.81 27.10
CA GLY A 437 -5.81 -8.90 26.60
C GLY A 437 -6.02 -8.68 25.10
N LEU A 438 -5.50 -7.58 24.57
CA LEU A 438 -5.68 -7.32 23.15
C LEU A 438 -5.00 -8.35 22.22
N ARG A 439 -5.76 -8.82 21.23
CA ARG A 439 -5.29 -9.76 20.23
C ARG A 439 -4.91 -8.96 18.98
N TYR A 440 -3.88 -9.37 18.27
CA TYR A 440 -3.50 -8.67 17.05
C TYR A 440 -4.53 -9.19 16.03
N THR A 441 -5.29 -8.29 15.43
CA THR A 441 -6.34 -8.69 14.49
C THR A 441 -6.09 -8.52 12.98
N GLY A 442 -4.85 -8.28 12.59
CA GLY A 442 -4.55 -8.09 11.19
C GLY A 442 -4.86 -9.30 10.34
N VAL A 443 -5.25 -9.06 9.09
CA VAL A 443 -5.57 -10.13 8.15
C VAL A 443 -4.70 -9.98 6.92
N GLY A 444 -4.13 -11.08 6.44
CA GLY A 444 -3.28 -11.01 5.28
C GLY A 444 -3.51 -12.20 4.36
N PRO A 445 -2.72 -12.32 3.28
CA PRO A 445 -2.85 -13.41 2.32
C PRO A 445 -2.75 -14.78 2.95
N GLY A 446 -1.92 -14.89 4.00
CA GLY A 446 -1.72 -16.17 4.67
C GLY A 446 -2.70 -16.59 5.76
N ASN A 447 -3.60 -15.72 6.19
CA ASN A 447 -4.53 -16.12 7.24
C ASN A 447 -5.95 -15.69 6.97
N LEU A 448 -6.34 -15.71 5.70
CA LEU A 448 -7.70 -15.33 5.32
C LEU A 448 -8.68 -16.34 5.91
N PRO A 449 -9.85 -15.86 6.37
CA PRO A 449 -10.90 -16.69 6.96
C PRO A 449 -11.60 -17.52 5.90
N ILE A 450 -11.99 -18.74 6.23
CA ILE A 450 -12.72 -19.57 5.26
C ILE A 450 -14.08 -18.88 5.06
N MET A 451 -14.48 -18.69 3.81
CA MET A 451 -15.76 -18.02 3.54
C MET A 451 -16.45 -18.61 2.32
N THR A 452 -17.73 -18.31 2.18
CA THR A 452 -18.48 -18.76 1.01
C THR A 452 -19.24 -17.57 0.43
N ALA A 453 -19.37 -17.56 -0.89
CA ALA A 453 -20.07 -16.49 -1.60
C ALA A 453 -20.37 -16.98 -3.02
N PRO A 454 -21.41 -16.39 -3.66
CA PRO A 454 -21.77 -16.79 -5.02
C PRO A 454 -20.58 -16.61 -5.95
N ALA A 455 -20.49 -17.46 -6.96
CA ALA A 455 -19.39 -17.35 -7.91
C ALA A 455 -19.55 -16.05 -8.68
N TYR A 456 -18.41 -15.41 -8.97
CA TYR A 456 -18.42 -14.17 -9.72
C TYR A 456 -19.06 -14.44 -11.09
N VAL A 457 -19.91 -13.53 -11.56
CA VAL A 457 -20.54 -13.73 -12.85
C VAL A 457 -20.14 -12.66 -13.86
N PRO A 458 -19.31 -13.04 -14.83
CA PRO A 458 -18.85 -12.09 -15.86
C PRO A 458 -20.05 -11.43 -16.52
N GLY A 459 -19.99 -10.11 -16.63
CA GLY A 459 -21.06 -9.36 -17.24
C GLY A 459 -21.94 -8.72 -16.20
N THR A 460 -21.76 -9.12 -14.95
CA THR A 460 -22.58 -8.58 -13.86
C THR A 460 -22.00 -7.30 -13.25
N THR A 461 -22.88 -6.40 -12.80
CA THR A 461 -22.44 -5.17 -12.16
C THR A 461 -22.69 -5.34 -10.68
N TYR A 462 -21.67 -5.12 -9.86
CA TYR A 462 -21.82 -5.27 -8.42
C TYR A 462 -21.78 -3.97 -7.65
N ALA A 463 -22.62 -3.88 -6.64
CA ALA A 463 -22.66 -2.70 -5.78
C ALA A 463 -21.52 -2.79 -4.78
N GLN A 464 -21.35 -1.73 -4.01
CA GLN A 464 -20.30 -1.67 -3.00
C GLN A 464 -20.60 -2.66 -1.88
N GLY A 465 -19.59 -3.44 -1.46
CA GLY A 465 -19.81 -4.40 -0.39
C GLY A 465 -20.18 -5.80 -0.86
N ALA A 466 -20.44 -5.98 -2.15
CA ALA A 466 -20.80 -7.29 -2.66
C ALA A 466 -19.65 -8.28 -2.45
N LEU A 467 -20.01 -9.55 -2.24
CA LEU A 467 -19.06 -10.63 -2.03
C LEU A 467 -19.25 -11.68 -3.12
N VAL A 468 -18.14 -12.14 -3.70
CA VAL A 468 -18.17 -13.16 -4.73
C VAL A 468 -16.99 -14.08 -4.51
N SER A 469 -17.09 -15.30 -5.02
CA SER A 469 -15.96 -16.21 -4.92
C SER A 469 -15.38 -16.22 -6.35
N TYR A 470 -14.05 -16.22 -6.45
CA TYR A 470 -13.36 -16.23 -7.73
C TYR A 470 -11.94 -16.73 -7.53
N GLN A 471 -11.49 -17.63 -8.41
CA GLN A 471 -10.15 -18.19 -8.33
C GLN A 471 -9.86 -18.71 -6.92
N GLY A 472 -10.86 -19.38 -6.33
CA GLY A 472 -10.70 -19.96 -5.01
C GLY A 472 -10.64 -19.00 -3.82
N TYR A 473 -10.97 -17.73 -4.04
CA TYR A 473 -10.97 -16.75 -2.96
C TYR A 473 -12.31 -16.03 -2.91
N VAL A 474 -12.59 -15.40 -1.78
CA VAL A 474 -13.81 -14.61 -1.64
C VAL A 474 -13.38 -13.13 -1.64
N TRP A 475 -14.06 -12.35 -2.48
CA TRP A 475 -13.73 -10.93 -2.65
C TRP A 475 -14.87 -9.99 -2.35
N GLN A 476 -14.50 -8.80 -1.93
CA GLN A 476 -15.48 -7.78 -1.64
C GLN A 476 -15.15 -6.50 -2.43
N THR A 477 -16.16 -5.86 -3.02
CA THR A 477 -15.95 -4.61 -3.76
C THR A 477 -15.77 -3.45 -2.78
N LYS A 478 -14.81 -2.58 -3.07
CA LYS A 478 -14.47 -1.41 -2.23
C LYS A 478 -15.33 -0.17 -2.47
N TRP A 479 -15.98 -0.10 -3.64
CA TRP A 479 -16.88 1.01 -3.98
C TRP A 479 -17.91 0.42 -4.97
N GLY A 480 -18.87 1.23 -5.43
CA GLY A 480 -19.91 0.70 -6.32
C GLY A 480 -19.80 0.71 -7.83
N TYR A 481 -20.75 0.04 -8.46
CA TYR A 481 -20.82 -0.06 -9.92
C TYR A 481 -19.62 -0.75 -10.51
N ILE A 482 -19.16 -1.81 -9.84
CA ILE A 482 -18.01 -2.55 -10.31
C ILE A 482 -18.43 -3.44 -11.48
N THR A 483 -17.70 -3.30 -12.59
CA THR A 483 -18.01 -4.02 -13.82
C THR A 483 -16.90 -4.94 -14.32
N SER A 484 -15.81 -5.01 -13.58
CA SER A 484 -14.71 -5.89 -13.96
C SER A 484 -14.55 -6.99 -12.90
N ALA A 485 -13.78 -8.02 -13.25
CA ALA A 485 -13.57 -9.18 -12.39
C ALA A 485 -12.51 -9.03 -11.31
N PRO A 486 -12.63 -9.85 -10.24
CA PRO A 486 -11.64 -9.80 -9.16
C PRO A 486 -10.28 -10.11 -9.77
N GLY A 487 -9.24 -9.45 -9.26
CA GLY A 487 -7.89 -9.66 -9.74
C GLY A 487 -7.54 -8.81 -10.96
N SER A 488 -8.56 -8.33 -11.67
CA SER A 488 -8.36 -7.53 -12.87
C SER A 488 -8.89 -6.12 -12.68
N ASP A 489 -9.53 -5.90 -11.54
CA ASP A 489 -10.15 -4.62 -11.22
C ASP A 489 -9.81 -4.36 -9.76
N SER A 490 -9.01 -3.32 -9.49
CA SER A 490 -8.61 -3.01 -8.12
C SER A 490 -9.73 -2.51 -7.20
N ALA A 491 -10.97 -2.67 -7.63
CA ALA A 491 -12.10 -2.28 -6.79
C ALA A 491 -12.45 -3.46 -5.87
N TRP A 492 -11.83 -4.62 -6.12
CA TRP A 492 -12.05 -5.85 -5.36
C TRP A 492 -10.99 -6.15 -4.31
N LEU A 493 -11.45 -6.49 -3.10
CA LEU A 493 -10.55 -6.81 -1.99
C LEU A 493 -10.72 -8.29 -1.59
N LYS A 494 -9.63 -9.04 -1.60
CA LYS A 494 -9.65 -10.45 -1.22
C LYS A 494 -9.94 -10.45 0.28
N VAL A 495 -11.05 -11.05 0.73
CA VAL A 495 -11.33 -11.05 2.17
C VAL A 495 -11.47 -12.44 2.81
N GLY A 496 -11.54 -13.48 1.99
CA GLY A 496 -11.67 -14.83 2.52
C GLY A 496 -11.10 -15.85 1.56
N ARG A 497 -11.12 -17.12 1.97
CA ARG A 497 -10.58 -18.17 1.11
C ARG A 497 -11.55 -19.34 0.97
N VAL A 498 -11.31 -20.14 -0.07
CA VAL A 498 -12.12 -21.30 -0.38
C VAL A 498 -13.43 -20.76 -0.94
N ALA A 499 -14.21 -20.18 -0.16
N THR B 3 1.70 31.01 -25.51
CA THR B 3 1.01 30.03 -26.41
C THR B 3 -0.53 30.08 -26.21
N ARG B 4 -1.28 30.07 -27.31
CA ARG B 4 -2.74 30.12 -27.25
C ARG B 4 -3.27 28.91 -26.49
N LYS B 5 -4.32 29.11 -25.69
CA LYS B 5 -4.87 27.99 -24.92
C LYS B 5 -5.76 27.20 -25.89
N ALA B 6 -5.76 25.87 -25.79
CA ALA B 6 -6.61 25.10 -26.70
C ALA B 6 -8.07 25.28 -26.23
N VAL B 7 -9.00 25.21 -27.17
CA VAL B 7 -10.43 25.28 -26.84
C VAL B 7 -10.96 24.17 -27.76
N ILE B 8 -11.21 23.02 -27.12
CA ILE B 8 -11.61 21.78 -27.78
C ILE B 8 -13.05 21.42 -27.54
N GLY B 9 -13.85 21.55 -28.57
CA GLY B 9 -15.23 21.20 -28.39
C GLY B 9 -15.61 19.88 -29.02
N TYR B 10 -16.03 18.93 -28.19
CA TYR B 10 -16.51 17.67 -28.75
C TYR B 10 -17.82 18.11 -29.42
N TYR B 11 -18.18 17.46 -30.51
CA TYR B 11 -19.43 17.78 -31.20
C TYR B 11 -20.06 16.41 -31.50
N PHE B 12 -21.11 16.09 -30.76
CA PHE B 12 -21.76 14.80 -30.86
C PHE B 12 -22.97 14.82 -31.78
N ILE B 13 -22.93 14.03 -32.84
CA ILE B 13 -24.11 13.96 -33.69
C ILE B 13 -24.39 12.49 -33.90
N PRO B 14 -25.46 11.98 -33.28
CA PRO B 14 -25.88 10.57 -33.36
C PRO B 14 -26.12 10.08 -34.78
N THR B 15 -25.95 8.78 -34.93
CA THR B 15 -26.12 8.15 -36.22
C THR B 15 -27.44 8.56 -36.88
N ASN B 16 -28.51 8.52 -36.11
CA ASN B 16 -29.81 8.85 -36.66
C ASN B 16 -29.87 10.30 -37.21
N GLN B 17 -29.17 11.22 -36.55
CA GLN B 17 -29.14 12.62 -37.01
C GLN B 17 -28.29 12.74 -38.26
N ILE B 18 -27.22 11.94 -38.35
CA ILE B 18 -26.40 11.98 -39.54
C ILE B 18 -27.25 11.50 -40.74
N ASN B 19 -27.93 10.36 -40.58
CA ASN B 19 -28.72 9.79 -41.69
C ASN B 19 -29.91 10.64 -42.12
N ASN B 20 -30.38 11.50 -41.23
CA ASN B 20 -31.50 12.38 -41.53
C ASN B 20 -31.03 13.84 -41.41
N TYR B 21 -29.74 14.07 -41.63
CA TYR B 21 -29.20 15.40 -41.49
C TYR B 21 -29.95 16.49 -42.25
N THR B 22 -30.24 17.58 -41.55
CA THR B 22 -30.90 18.76 -42.13
C THR B 22 -30.54 19.96 -41.28
N GLU B 23 -30.51 21.13 -41.89
CA GLU B 23 -30.21 22.35 -41.14
C GLU B 23 -31.40 23.28 -41.03
N THR B 24 -32.59 22.76 -41.28
CA THR B 24 -33.83 23.55 -41.24
C THR B 24 -34.90 22.88 -40.38
N ASP B 25 -34.52 21.89 -39.59
CA ASP B 25 -35.49 21.21 -38.75
C ASP B 25 -34.90 20.80 -37.41
N THR B 26 -34.99 21.70 -36.45
CA THR B 26 -34.47 21.49 -35.11
C THR B 26 -35.08 20.29 -34.39
N SER B 27 -36.26 19.82 -34.82
CA SER B 27 -36.81 18.65 -34.14
C SER B 27 -36.08 17.35 -34.59
N VAL B 28 -35.39 17.41 -35.73
CA VAL B 28 -34.62 16.28 -36.31
C VAL B 28 -33.11 16.40 -35.96
N VAL B 29 -32.53 17.57 -36.23
CA VAL B 29 -31.12 17.86 -35.92
C VAL B 29 -31.12 19.13 -35.07
N PRO B 30 -31.20 18.99 -33.73
CA PRO B 30 -31.22 20.16 -32.83
C PRO B 30 -30.15 21.24 -32.98
N PHE B 31 -28.93 20.82 -33.28
CA PHE B 31 -27.85 21.77 -33.40
C PHE B 31 -27.00 21.44 -34.63
N PRO B 32 -27.44 21.91 -35.82
CA PRO B 32 -26.71 21.67 -37.09
C PRO B 32 -25.41 22.46 -37.18
N VAL B 33 -24.52 21.99 -38.06
CA VAL B 33 -23.22 22.63 -38.23
C VAL B 33 -23.37 24.08 -38.68
N SER B 34 -24.50 24.37 -39.32
CA SER B 34 -24.75 25.73 -39.79
C SER B 34 -24.82 26.72 -38.62
N ASN B 35 -25.04 26.21 -37.41
CA ASN B 35 -25.06 27.06 -36.19
C ASN B 35 -23.67 27.67 -35.94
N ILE B 36 -22.63 27.03 -36.50
CA ILE B 36 -21.27 27.55 -36.33
C ILE B 36 -20.84 28.47 -37.47
N THR B 37 -20.92 29.76 -37.19
CA THR B 37 -20.56 30.81 -38.13
C THR B 37 -19.05 31.00 -38.12
N PRO B 38 -18.53 31.83 -39.03
CA PRO B 38 -17.09 32.08 -39.09
C PRO B 38 -16.56 32.64 -37.76
N ALA B 39 -17.37 33.46 -37.09
CA ALA B 39 -16.94 34.06 -35.83
C ALA B 39 -16.78 32.94 -34.80
N LYS B 40 -17.74 32.02 -34.79
CA LYS B 40 -17.69 30.95 -33.83
C LYS B 40 -16.53 29.98 -34.12
N ALA B 41 -16.25 29.76 -35.42
CA ALA B 41 -15.17 28.87 -35.81
C ALA B 41 -13.83 29.38 -35.29
N LYS B 42 -13.70 30.70 -35.25
CA LYS B 42 -12.47 31.32 -34.76
C LYS B 42 -12.32 31.14 -33.26
N GLN B 43 -13.40 30.80 -32.57
CA GLN B 43 -13.37 30.65 -31.11
C GLN B 43 -12.87 29.30 -30.65
N LEU B 44 -12.73 28.39 -31.60
CA LEU B 44 -12.29 27.03 -31.34
C LEU B 44 -10.89 26.78 -31.89
N THR B 45 -10.16 25.87 -31.27
CA THR B 45 -8.88 25.45 -31.85
C THR B 45 -9.12 24.01 -32.40
N HIS B 46 -10.04 23.28 -31.78
CA HIS B 46 -10.35 21.91 -32.21
C HIS B 46 -11.83 21.58 -32.10
N ILE B 47 -12.34 20.81 -33.05
CA ILE B 47 -13.68 20.30 -32.93
C ILE B 47 -13.48 18.77 -32.99
N ASN B 48 -13.98 18.03 -31.99
CA ASN B 48 -13.83 16.57 -31.99
C ASN B 48 -15.16 15.97 -32.42
N PHE B 49 -15.22 15.57 -33.68
CA PHE B 49 -16.43 14.93 -34.16
C PHE B 49 -16.60 13.62 -33.37
N SER B 50 -17.80 13.40 -32.83
CA SER B 50 -18.05 12.21 -31.99
C SER B 50 -19.31 11.45 -32.49
N PHE B 51 -19.24 10.13 -32.64
CA PHE B 51 -18.04 9.28 -32.38
C PHE B 51 -17.85 8.23 -33.51
N LEU B 52 -16.63 7.80 -33.74
CA LEU B 52 -16.41 6.68 -34.66
C LEU B 52 -16.21 5.48 -33.69
N ASP B 53 -16.01 4.26 -34.19
CA ASP B 53 -15.90 3.14 -33.26
C ASP B 53 -14.81 2.20 -33.78
N ILE B 54 -14.63 1.06 -33.11
CA ILE B 54 -13.66 0.04 -33.54
C ILE B 54 -14.59 -1.12 -33.86
N ASN B 55 -14.47 -1.72 -35.05
CA ASN B 55 -15.38 -2.82 -35.36
C ASN B 55 -14.81 -4.19 -35.02
N SER B 56 -15.55 -5.26 -35.38
CA SER B 56 -15.11 -6.61 -35.05
C SER B 56 -13.89 -6.98 -35.87
N ASN B 57 -13.63 -6.23 -36.93
CA ASN B 57 -12.41 -6.51 -37.68
C ASN B 57 -11.22 -5.85 -36.95
N LEU B 58 -11.50 -5.14 -35.86
CA LEU B 58 -10.49 -4.45 -35.05
C LEU B 58 -9.87 -3.29 -35.78
N GLU B 59 -10.73 -2.59 -36.51
CA GLU B 59 -10.33 -1.41 -37.23
C GLU B 59 -11.28 -0.26 -36.88
N CYS B 60 -10.77 0.95 -36.99
CA CYS B 60 -11.56 2.15 -36.75
C CYS B 60 -12.60 2.20 -37.88
N ALA B 61 -13.85 2.53 -37.54
CA ALA B 61 -14.91 2.59 -38.56
C ALA B 61 -16.13 3.33 -38.06
N TRP B 62 -16.97 3.79 -38.99
CA TRP B 62 -18.22 4.44 -38.61
C TRP B 62 -19.13 3.30 -38.19
N ASP B 63 -20.14 3.63 -37.40
CA ASP B 63 -21.15 2.66 -37.00
C ASP B 63 -21.75 2.24 -38.37
N PRO B 64 -21.89 0.93 -38.63
CA PRO B 64 -22.42 0.31 -39.86
C PRO B 64 -23.76 0.88 -40.35
N ALA B 65 -24.59 1.35 -39.41
CA ALA B 65 -25.90 1.92 -39.77
C ALA B 65 -25.77 3.33 -40.39
N THR B 66 -24.56 3.88 -40.36
CA THR B 66 -24.32 5.21 -40.89
C THR B 66 -24.37 5.28 -42.40
N ASN B 67 -25.15 6.23 -42.94
CA ASN B 67 -25.23 6.45 -44.39
C ASN B 67 -23.91 7.13 -44.68
N ASP B 68 -23.06 6.50 -45.49
CA ASP B 68 -21.75 7.09 -45.73
C ASP B 68 -21.74 8.44 -46.44
N ALA B 69 -22.64 8.63 -47.40
CA ALA B 69 -22.66 9.90 -48.09
C ALA B 69 -23.02 11.02 -47.10
N LYS B 70 -24.05 10.76 -46.30
CA LYS B 70 -24.50 11.73 -45.30
C LYS B 70 -23.38 12.04 -44.30
N ALA B 71 -22.61 11.03 -43.91
CA ALA B 71 -21.51 11.23 -42.97
C ALA B 71 -20.44 12.16 -43.56
N ARG B 72 -20.04 11.93 -44.82
CA ARG B 72 -19.05 12.77 -45.46
C ARG B 72 -19.55 14.21 -45.58
N ASP B 73 -20.85 14.37 -45.84
CA ASP B 73 -21.44 15.71 -45.96
C ASP B 73 -21.36 16.49 -44.62
N VAL B 74 -21.63 15.80 -43.51
CA VAL B 74 -21.57 16.47 -42.20
C VAL B 74 -20.12 16.82 -41.88
N VAL B 75 -19.22 15.89 -42.16
CA VAL B 75 -17.81 16.13 -41.91
C VAL B 75 -17.31 17.27 -42.83
N ASN B 76 -17.77 17.32 -44.08
CA ASN B 76 -17.36 18.44 -44.96
C ASN B 76 -17.82 19.81 -44.41
N ARG B 77 -19.00 19.84 -43.80
CA ARG B 77 -19.47 21.10 -43.28
C ARG B 77 -18.53 21.56 -42.16
N LEU B 78 -18.01 20.60 -41.39
CA LEU B 78 -17.07 20.90 -40.31
C LEU B 78 -15.71 21.34 -40.86
N THR B 79 -15.16 20.58 -41.80
CA THR B 79 -13.86 20.97 -42.31
C THR B 79 -13.92 22.26 -43.11
N ALA B 80 -15.08 22.61 -43.64
CA ALA B 80 -15.20 23.87 -44.37
C ALA B 80 -14.98 25.04 -43.37
N LEU B 81 -15.22 24.79 -42.09
CA LEU B 81 -15.01 25.84 -41.07
C LEU B 81 -13.54 26.27 -41.02
N LYS B 82 -12.64 25.43 -41.53
CA LYS B 82 -11.20 25.72 -41.53
C LYS B 82 -10.83 26.91 -42.40
N ALA B 83 -11.67 27.22 -43.38
CA ALA B 83 -11.40 28.39 -44.24
C ALA B 83 -11.43 29.69 -43.39
N HIS B 84 -12.11 29.65 -42.24
CA HIS B 84 -12.24 30.83 -41.38
C HIS B 84 -11.30 30.86 -40.17
N ASN B 85 -10.43 29.86 -40.04
CA ASN B 85 -9.49 29.77 -38.93
C ASN B 85 -8.37 28.79 -39.29
N PRO B 86 -7.19 29.33 -39.66
CA PRO B 86 -5.98 28.57 -40.04
C PRO B 86 -5.41 27.66 -38.95
N SER B 87 -5.84 27.88 -37.71
CA SER B 87 -5.42 27.08 -36.56
C SER B 87 -6.38 25.94 -36.23
N LEU B 88 -7.60 26.01 -36.74
CA LEU B 88 -8.64 25.02 -36.43
C LEU B 88 -8.38 23.60 -36.95
N ARG B 89 -8.64 22.61 -36.10
CA ARG B 89 -8.49 21.22 -36.53
C ARG B 89 -9.81 20.49 -36.27
N ILE B 90 -10.25 19.72 -37.26
CA ILE B 90 -11.45 18.91 -37.09
C ILE B 90 -10.91 17.49 -36.85
N MET B 91 -10.91 17.10 -35.58
CA MET B 91 -10.41 15.80 -35.16
C MET B 91 -11.61 14.86 -35.19
N PHE B 92 -11.35 13.56 -35.09
CA PHE B 92 -12.49 12.64 -34.92
C PHE B 92 -12.15 11.80 -33.69
N SER B 93 -13.16 11.51 -32.89
CA SER B 93 -12.97 10.75 -31.65
C SER B 93 -13.55 9.35 -31.76
N ILE B 94 -12.74 8.38 -31.32
CA ILE B 94 -13.12 6.99 -31.34
C ILE B 94 -13.54 6.56 -29.93
N GLY B 95 -14.77 6.11 -29.81
CA GLY B 95 -15.21 5.64 -28.52
C GLY B 95 -16.44 6.29 -27.93
N GLY B 96 -16.27 6.91 -26.77
CA GLY B 96 -17.41 7.47 -26.07
C GLY B 96 -17.93 6.42 -25.12
N TRP B 97 -18.76 6.81 -24.16
CA TRP B 97 -19.29 5.90 -23.16
C TRP B 97 -20.13 4.77 -23.73
N TYR B 98 -21.05 5.12 -24.62
CA TYR B 98 -21.93 4.12 -25.21
C TYR B 98 -21.15 2.95 -25.86
N TYR B 99 -20.24 3.27 -26.76
CA TYR B 99 -19.50 2.22 -27.46
C TYR B 99 -18.44 1.49 -26.63
N SER B 100 -17.68 2.25 -25.82
CA SER B 100 -16.55 1.66 -25.11
C SER B 100 -16.56 1.28 -23.65
N ASN B 101 -17.64 1.59 -22.91
CA ASN B 101 -17.66 1.22 -21.49
C ASN B 101 -17.57 -0.33 -21.39
N ASP B 102 -17.18 -0.84 -20.21
CA ASP B 102 -17.01 -2.29 -20.02
C ASP B 102 -18.19 -3.12 -20.57
N LEU B 103 -19.40 -2.61 -20.39
CA LEU B 103 -20.60 -3.32 -20.83
C LEU B 103 -21.11 -2.75 -22.15
N GLY B 104 -20.31 -1.90 -22.80
CA GLY B 104 -20.72 -1.30 -24.05
C GLY B 104 -20.79 -2.29 -25.21
N VAL B 105 -21.45 -1.87 -26.29
CA VAL B 105 -21.61 -2.74 -27.44
C VAL B 105 -20.33 -3.13 -28.17
N SER B 106 -19.29 -2.29 -28.13
CA SER B 106 -18.04 -2.62 -28.85
C SER B 106 -16.81 -2.78 -27.96
N HIS B 107 -17.03 -2.87 -26.66
CA HIS B 107 -15.90 -2.98 -25.72
C HIS B 107 -14.84 -4.01 -26.11
N ALA B 108 -15.27 -5.24 -26.46
CA ALA B 108 -14.31 -6.27 -26.83
C ALA B 108 -13.40 -5.84 -27.97
N ASN B 109 -13.92 -5.04 -28.89
CA ASN B 109 -13.10 -4.57 -30.01
C ASN B 109 -11.94 -3.67 -29.59
N TYR B 110 -12.16 -2.84 -28.56
CA TYR B 110 -11.10 -1.98 -28.05
C TYR B 110 -10.05 -2.90 -27.43
N VAL B 111 -10.49 -3.77 -26.54
CA VAL B 111 -9.59 -4.68 -25.84
C VAL B 111 -8.75 -5.52 -26.79
N ASN B 112 -9.38 -6.09 -27.80
CA ASN B 112 -8.66 -6.93 -28.73
C ASN B 112 -7.79 -6.19 -29.70
N ALA B 113 -8.20 -4.98 -30.10
CA ALA B 113 -7.41 -4.22 -31.07
C ALA B 113 -6.01 -3.88 -30.56
N VAL B 114 -5.85 -3.63 -29.26
CA VAL B 114 -4.55 -3.22 -28.74
C VAL B 114 -3.64 -4.34 -28.24
N LYS B 115 -4.10 -5.59 -28.42
CA LYS B 115 -3.38 -6.77 -27.93
C LYS B 115 -1.97 -7.08 -28.44
N THR B 116 -1.75 -6.99 -29.73
CA THR B 116 -0.46 -7.38 -30.27
C THR B 116 0.15 -6.38 -31.21
N PRO B 117 1.44 -6.55 -31.54
CA PRO B 117 2.10 -5.63 -32.46
C PRO B 117 1.27 -5.62 -33.74
N ALA B 118 0.86 -6.82 -34.18
CA ALA B 118 0.06 -6.91 -35.41
C ALA B 118 -1.31 -6.24 -35.30
N SER B 119 -2.01 -6.46 -34.19
CA SER B 119 -3.34 -5.85 -34.07
C SER B 119 -3.18 -4.34 -33.97
N ARG B 120 -2.20 -3.89 -33.18
CA ARG B 120 -1.98 -2.45 -33.03
C ARG B 120 -1.66 -1.78 -34.36
N ALA B 121 -0.80 -2.39 -35.17
CA ALA B 121 -0.43 -1.83 -36.47
C ALA B 121 -1.65 -1.70 -37.36
N LYS B 122 -2.43 -2.77 -37.41
CA LYS B 122 -3.62 -2.77 -38.26
C LYS B 122 -4.60 -1.71 -37.80
N PHE B 123 -4.84 -1.63 -36.49
CA PHE B 123 -5.77 -0.64 -35.96
C PHE B 123 -5.26 0.77 -36.23
N ALA B 124 -4.00 1.03 -35.86
CA ALA B 124 -3.40 2.35 -36.11
C ALA B 124 -3.47 2.75 -37.59
N GLN B 125 -3.15 1.82 -38.51
CA GLN B 125 -3.24 2.19 -39.94
C GLN B 125 -4.65 2.53 -40.32
N SER B 126 -5.63 1.87 -39.71
CA SER B 126 -7.01 2.17 -40.08
C SER B 126 -7.40 3.57 -39.58
N CYS B 127 -6.83 4.02 -38.46
CA CYS B 127 -7.15 5.35 -37.94
C CYS B 127 -6.67 6.40 -38.93
N VAL B 128 -5.42 6.27 -39.37
CA VAL B 128 -4.87 7.19 -40.36
C VAL B 128 -5.67 7.10 -41.67
N ARG B 129 -6.01 5.90 -42.09
CA ARG B 129 -6.80 5.77 -43.34
C ARG B 129 -8.13 6.55 -43.24
N ILE B 130 -8.91 6.29 -42.18
CA ILE B 130 -10.17 6.99 -41.94
C ILE B 130 -9.92 8.51 -41.90
N MET B 131 -8.87 8.92 -41.20
CA MET B 131 -8.55 10.34 -41.09
C MET B 131 -8.37 11.00 -42.47
N LYS B 132 -7.57 10.37 -43.31
CA LYS B 132 -7.33 10.93 -44.63
C LYS B 132 -8.55 10.79 -45.54
N ASP B 133 -9.25 9.66 -45.45
CA ASP B 133 -10.42 9.46 -46.29
C ASP B 133 -11.51 10.49 -46.08
N TYR B 134 -11.80 10.84 -44.82
CA TYR B 134 -12.87 11.79 -44.53
C TYR B 134 -12.38 13.23 -44.37
N GLY B 135 -11.07 13.40 -44.27
CA GLY B 135 -10.55 14.75 -44.19
C GLY B 135 -10.35 15.30 -42.80
N PHE B 136 -10.17 14.41 -41.82
CA PHE B 136 -9.96 14.88 -40.44
C PHE B 136 -8.51 15.31 -40.25
N ASP B 137 -8.27 16.06 -39.17
CA ASP B 137 -6.96 16.60 -38.84
C ASP B 137 -6.23 15.90 -37.70
N GLY B 138 -6.86 14.90 -37.12
CA GLY B 138 -6.22 14.21 -36.02
C GLY B 138 -7.15 13.16 -35.45
N VAL B 139 -6.66 12.42 -34.47
CA VAL B 139 -7.38 11.33 -33.86
C VAL B 139 -7.44 11.51 -32.36
N ASP B 140 -8.64 11.33 -31.80
CA ASP B 140 -8.87 11.40 -30.34
C ASP B 140 -9.42 10.03 -29.94
N ILE B 141 -8.82 9.39 -28.92
CA ILE B 141 -9.33 8.09 -28.44
C ILE B 141 -10.08 8.34 -27.15
N ASP B 142 -11.34 7.92 -27.12
CA ASP B 142 -12.18 8.10 -25.94
C ASP B 142 -12.69 6.74 -25.44
N TRP B 143 -11.78 5.92 -24.93
CA TRP B 143 -12.10 4.60 -24.40
C TRP B 143 -12.30 4.74 -22.90
N GLU B 144 -13.52 4.46 -22.44
CA GLU B 144 -13.83 4.61 -21.01
C GLU B 144 -14.12 3.27 -20.34
N TYR B 145 -13.09 2.56 -19.87
CA TYR B 145 -11.67 2.95 -19.87
C TYR B 145 -10.83 1.68 -19.86
N PRO B 146 -9.57 1.77 -20.35
CA PRO B 146 -8.74 0.56 -20.34
C PRO B 146 -8.50 0.12 -18.90
N GLN B 147 -8.51 -1.19 -18.66
CA GLN B 147 -8.26 -1.72 -17.30
C GLN B 147 -6.77 -1.94 -17.19
N ALA B 148 -6.29 -2.20 -15.98
CA ALA B 148 -4.86 -2.38 -15.75
C ALA B 148 -4.15 -3.30 -16.75
N ALA B 149 -4.69 -4.50 -16.97
CA ALA B 149 -4.07 -5.44 -17.88
C ALA B 149 -4.00 -5.03 -19.35
N GLU B 150 -4.86 -4.11 -19.75
CA GLU B 150 -4.94 -3.62 -21.12
C GLU B 150 -4.13 -2.33 -21.36
N VAL B 151 -3.65 -1.69 -20.28
CA VAL B 151 -2.93 -0.45 -20.39
C VAL B 151 -1.65 -0.50 -21.24
N ASP B 152 -0.81 -1.53 -21.06
CA ASP B 152 0.40 -1.60 -21.88
C ASP B 152 0.04 -1.69 -23.36
N GLY B 153 -1.01 -2.42 -23.69
CA GLY B 153 -1.39 -2.52 -25.11
C GLY B 153 -1.87 -1.15 -25.59
N PHE B 154 -2.68 -0.52 -24.74
CA PHE B 154 -3.22 0.81 -25.04
C PHE B 154 -2.06 1.80 -25.32
N ILE B 155 -1.07 1.79 -24.45
CA ILE B 155 0.10 2.67 -24.63
C ILE B 155 0.81 2.40 -25.96
N ALA B 156 1.06 1.12 -26.26
CA ALA B 156 1.75 0.77 -27.52
C ALA B 156 0.94 1.20 -28.72
N ALA B 157 -0.40 1.09 -28.61
CA ALA B 157 -1.26 1.48 -29.74
C ALA B 157 -1.16 2.98 -29.98
N LEU B 158 -1.14 3.76 -28.89
CA LEU B 158 -1.01 5.21 -29.00
C LEU B 158 0.35 5.57 -29.62
N GLN B 159 1.42 4.91 -29.17
CA GLN B 159 2.76 5.16 -29.71
C GLN B 159 2.75 4.79 -31.21
N GLU B 160 2.04 3.72 -31.57
CA GLU B 160 2.01 3.35 -33.00
C GLU B 160 1.25 4.41 -33.81
N ILE B 161 0.12 4.89 -33.28
CA ILE B 161 -0.62 5.90 -34.02
C ILE B 161 0.27 7.15 -34.21
N ARG B 162 0.98 7.53 -33.14
CA ARG B 162 1.84 8.69 -33.18
C ARG B 162 2.88 8.56 -34.31
N THR B 163 3.55 7.41 -34.38
CA THR B 163 4.53 7.23 -35.45
C THR B 163 3.88 7.39 -36.82
N LEU B 164 2.71 6.78 -37.04
CA LEU B 164 2.04 6.90 -38.33
C LEU B 164 1.57 8.33 -38.68
N LEU B 165 1.10 9.07 -37.67
CA LEU B 165 0.62 10.44 -37.89
C LEU B 165 1.78 11.37 -38.24
N ASN B 166 2.90 11.20 -37.55
CA ASN B 166 4.06 12.02 -37.86
C ASN B 166 4.53 11.72 -39.29
N GLN B 167 4.55 10.44 -39.68
CA GLN B 167 5.00 10.14 -41.02
C GLN B 167 4.03 10.82 -41.96
N GLN B 168 2.73 10.71 -41.69
CA GLN B 168 1.72 11.30 -42.55
C GLN B 168 1.90 12.83 -42.65
N THR B 169 2.25 13.48 -41.53
CA THR B 169 2.46 14.93 -41.55
C THR B 169 3.57 15.30 -42.56
N ILE B 170 4.68 14.57 -42.52
CA ILE B 170 5.81 14.79 -43.43
C ILE B 170 5.35 14.51 -44.86
N THR B 171 4.78 13.34 -45.09
CA THR B 171 4.28 12.97 -46.41
C THR B 171 3.35 14.03 -46.99
N ASP B 172 2.49 14.59 -46.15
CA ASP B 172 1.54 15.58 -46.64
C ASP B 172 2.08 17.03 -46.60
N GLY B 173 3.31 17.20 -46.11
CA GLY B 173 3.85 18.54 -46.02
C GLY B 173 2.97 19.37 -45.10
N ARG B 174 2.48 18.75 -44.03
CA ARG B 174 1.61 19.40 -43.05
C ARG B 174 2.33 19.94 -41.82
N GLN B 175 3.63 20.23 -41.96
CA GLN B 175 4.40 20.74 -40.83
C GLN B 175 3.81 21.99 -40.17
N ALA B 176 2.98 22.76 -40.89
CA ALA B 176 2.35 23.97 -40.33
C ALA B 176 1.15 23.65 -39.44
N LEU B 177 0.52 22.50 -39.67
CA LEU B 177 -0.63 22.08 -38.87
C LEU B 177 -0.57 20.56 -38.83
N PRO B 178 0.40 20.03 -38.08
CA PRO B 178 0.68 18.60 -37.90
C PRO B 178 -0.54 17.83 -37.43
N TYR B 179 -0.69 16.63 -37.95
CA TYR B 179 -1.79 15.79 -37.51
C TYR B 179 -1.58 15.57 -36.00
N GLN B 180 -2.66 15.51 -35.23
CA GLN B 180 -2.51 15.33 -33.79
C GLN B 180 -3.20 14.09 -33.26
N LEU B 181 -2.81 13.73 -32.05
CA LEU B 181 -3.33 12.57 -31.34
C LEU B 181 -3.66 12.99 -29.91
N THR B 182 -4.89 12.75 -29.49
CA THR B 182 -5.29 13.07 -28.10
C THR B 182 -6.12 11.92 -27.55
N ILE B 183 -6.37 11.96 -26.24
CA ILE B 183 -7.31 10.99 -25.66
C ILE B 183 -8.17 11.78 -24.68
N ALA B 184 -9.35 11.23 -24.41
CA ALA B 184 -10.23 11.79 -23.37
C ALA B 184 -9.90 10.85 -22.19
N GLY B 185 -9.54 11.45 -21.04
CA GLY B 185 -9.20 10.66 -19.87
C GLY B 185 -10.12 10.93 -18.69
N ALA B 186 -10.22 9.98 -17.77
CA ALA B 186 -11.09 10.11 -16.58
C ALA B 186 -10.82 11.39 -15.79
N GLY B 187 -11.88 11.96 -15.21
CA GLY B 187 -11.75 13.18 -14.42
C GLY B 187 -12.07 12.93 -12.96
N GLY B 188 -12.19 11.66 -12.59
CA GLY B 188 -12.49 11.27 -11.21
C GLY B 188 -11.65 10.05 -10.83
N ALA B 189 -11.24 9.98 -9.56
CA ALA B 189 -10.39 8.92 -9.01
C ALA B 189 -10.79 7.45 -9.24
N PHE B 190 -12.09 7.15 -9.23
CA PHE B 190 -12.54 5.76 -9.38
C PHE B 190 -12.13 5.14 -10.71
N PHE B 191 -12.39 5.85 -11.80
CA PHE B 191 -12.00 5.31 -13.11
C PHE B 191 -10.53 5.57 -13.38
N LEU B 192 -10.05 6.73 -12.89
CA LEU B 192 -8.64 7.07 -13.09
C LEU B 192 -7.73 5.98 -12.47
N SER B 193 -8.15 5.39 -11.37
CA SER B 193 -7.32 4.35 -10.72
C SER B 193 -6.98 3.16 -11.66
N ARG B 194 -7.74 2.98 -12.72
CA ARG B 194 -7.46 1.86 -13.62
C ARG B 194 -6.11 1.95 -14.32
N TYR B 195 -5.70 3.16 -14.70
CA TYR B 195 -4.45 3.33 -15.44
C TYR B 195 -3.53 4.40 -14.86
N TYR B 196 -3.93 4.96 -13.73
CA TYR B 196 -3.16 6.03 -13.11
C TYR B 196 -1.66 5.77 -13.04
N SER B 197 -1.29 4.58 -12.55
CA SER B 197 0.12 4.24 -12.41
C SER B 197 0.96 4.41 -13.67
N LYS B 198 0.35 4.35 -14.86
CA LYS B 198 1.11 4.49 -16.10
C LYS B 198 0.75 5.75 -16.89
N LEU B 199 0.25 6.76 -16.20
CA LEU B 199 -0.14 8.02 -16.83
C LEU B 199 0.92 8.66 -17.70
N ALA B 200 2.17 8.65 -17.23
CA ALA B 200 3.24 9.30 -18.00
C ALA B 200 3.44 8.61 -19.36
N GLN B 201 3.42 7.27 -19.37
CA GLN B 201 3.57 6.54 -20.62
C GLN B 201 2.38 6.79 -21.57
N ILE B 202 1.17 6.90 -21.00
CA ILE B 202 -0.02 7.15 -21.82
C ILE B 202 -0.01 8.54 -22.46
N VAL B 203 0.44 9.53 -21.70
CA VAL B 203 0.46 10.92 -22.15
C VAL B 203 1.61 11.30 -23.08
N ALA B 204 2.72 10.55 -23.00
CA ALA B 204 3.90 10.83 -23.82
C ALA B 204 3.64 10.99 -25.30
N PRO B 205 2.90 10.05 -25.92
CA PRO B 205 2.64 10.15 -27.35
C PRO B 205 1.56 11.18 -27.76
N LEU B 206 0.92 11.80 -26.77
CA LEU B 206 -0.18 12.73 -27.02
C LEU B 206 0.12 14.22 -27.09
N ASP B 207 -0.69 14.92 -27.87
CA ASP B 207 -0.61 16.38 -27.90
C ASP B 207 -1.36 16.91 -26.65
N TYR B 208 -2.44 16.22 -26.29
CA TYR B 208 -3.27 16.58 -25.11
C TYR B 208 -4.01 15.39 -24.54
N ILE B 209 -4.28 15.47 -23.25
CA ILE B 209 -5.13 14.50 -22.58
C ILE B 209 -6.30 15.42 -22.12
N ASN B 210 -7.50 15.11 -22.62
CA ASN B 210 -8.73 15.87 -22.32
C ASN B 210 -9.42 15.25 -21.10
N LEU B 211 -9.33 15.93 -19.95
CA LEU B 211 -9.89 15.40 -18.72
C LEU B 211 -11.38 15.59 -18.65
N MET B 212 -12.07 14.50 -18.38
CA MET B 212 -13.52 14.55 -18.28
C MET B 212 -13.92 14.96 -16.86
N THR B 213 -13.60 16.21 -16.53
CA THR B 213 -13.93 16.76 -15.23
C THR B 213 -15.37 17.26 -15.11
N TYR B 214 -16.27 16.31 -15.28
CA TYR B 214 -17.70 16.53 -15.17
C TYR B 214 -18.29 15.16 -14.84
N ASP B 215 -19.60 15.09 -14.63
CA ASP B 215 -20.22 13.82 -14.23
C ASP B 215 -19.66 13.38 -12.87
N LEU B 216 -19.19 14.32 -12.06
CA LEU B 216 -18.65 13.94 -10.76
C LEU B 216 -19.77 13.76 -9.74
N ALA B 217 -21.00 14.02 -10.17
CA ALA B 217 -22.20 13.84 -9.34
C ALA B 217 -23.26 13.43 -10.32
N GLY B 218 -24.24 12.68 -9.83
CA GLY B 218 -25.31 12.24 -10.70
C GLY B 218 -26.32 11.49 -9.86
N PRO B 219 -27.49 11.19 -10.44
CA PRO B 219 -28.55 10.47 -9.71
C PRO B 219 -28.13 9.06 -9.23
N TRP B 220 -27.02 8.55 -9.75
CA TRP B 220 -26.49 7.24 -9.34
C TRP B 220 -25.80 7.33 -7.97
N GLU B 221 -25.74 8.55 -7.44
CA GLU B 221 -25.15 8.86 -6.13
C GLU B 221 -26.30 9.18 -5.16
N LYS B 222 -26.17 8.75 -3.90
CA LYS B 222 -27.23 8.97 -2.90
C LYS B 222 -27.37 10.42 -2.39
N VAL B 223 -26.35 11.26 -2.60
CA VAL B 223 -26.42 12.64 -2.15
C VAL B 223 -26.34 13.57 -3.37
N THR B 224 -27.19 14.59 -3.42
CA THR B 224 -27.15 15.52 -4.54
C THR B 224 -25.88 16.34 -4.42
N ASN B 225 -25.26 16.68 -5.55
CA ASN B 225 -24.01 17.44 -5.48
C ASN B 225 -23.71 18.05 -6.85
N HIS B 226 -22.78 18.99 -6.86
CA HIS B 226 -22.33 19.65 -8.11
C HIS B 226 -21.53 18.61 -8.88
N GLN B 227 -21.82 18.46 -10.18
CA GLN B 227 -21.13 17.47 -11.03
C GLN B 227 -19.75 17.94 -11.52
N ALA B 228 -19.47 19.22 -11.33
CA ALA B 228 -18.18 19.76 -11.74
C ALA B 228 -17.71 20.90 -10.85
N ALA B 229 -17.78 20.68 -9.54
CA ALA B 229 -17.30 21.70 -8.60
C ALA B 229 -15.83 21.97 -8.90
N LEU B 230 -15.39 23.23 -8.89
CA LEU B 230 -13.98 23.50 -9.16
C LEU B 230 -13.16 23.17 -7.92
N PHE B 231 -13.65 23.63 -6.76
CA PHE B 231 -13.01 23.40 -5.47
C PHE B 231 -14.03 22.74 -4.57
N GLY B 232 -13.58 22.16 -3.46
CA GLY B 232 -14.51 21.49 -2.59
C GLY B 232 -15.23 22.35 -1.58
N ASP B 233 -16.38 21.84 -1.16
CA ASP B 233 -17.25 22.43 -0.16
C ASP B 233 -17.29 21.43 1.01
N ALA B 234 -16.83 21.84 2.19
CA ALA B 234 -16.82 20.97 3.38
C ALA B 234 -18.22 20.40 3.69
N ALA B 235 -19.26 21.12 3.31
CA ALA B 235 -20.62 20.66 3.58
C ALA B 235 -21.08 19.61 2.57
N GLY B 236 -20.34 19.46 1.49
CA GLY B 236 -20.71 18.48 0.48
C GLY B 236 -20.19 17.10 0.78
N PRO B 237 -20.60 16.09 0.01
CA PRO B 237 -20.12 14.73 0.28
C PRO B 237 -18.64 14.55 -0.02
N THR B 238 -18.04 13.53 0.57
CA THR B 238 -16.64 13.24 0.32
C THR B 238 -16.60 11.77 -0.05
N PHE B 239 -15.51 11.33 -0.66
CA PHE B 239 -15.38 9.94 -1.14
C PHE B 239 -14.03 9.33 -0.79
N TYR B 240 -13.95 8.00 -0.85
CA TYR B 240 -12.70 7.29 -0.62
C TYR B 240 -11.85 7.62 -1.84
N ASN B 241 -10.56 7.84 -1.64
CA ASN B 241 -9.68 8.15 -2.74
C ASN B 241 -9.15 6.85 -3.39
N ALA B 242 -9.88 6.37 -4.41
CA ALA B 242 -9.53 5.14 -5.12
C ALA B 242 -8.09 5.06 -5.61
N LEU B 243 -7.43 6.21 -5.76
CA LEU B 243 -6.05 6.15 -6.24
C LEU B 243 -5.16 5.36 -5.28
N ARG B 244 -5.56 5.28 -4.00
CA ARG B 244 -4.79 4.54 -2.98
C ARG B 244 -4.77 3.04 -3.29
N GLU B 245 -5.61 2.62 -4.23
CA GLU B 245 -5.71 1.21 -4.61
C GLU B 245 -5.09 0.95 -5.97
N ALA B 246 -4.45 1.96 -6.54
CA ALA B 246 -3.79 1.80 -7.83
C ALA B 246 -2.46 1.03 -7.62
N ASN B 247 -2.07 0.21 -8.59
CA ASN B 247 -0.83 -0.58 -8.47
C ASN B 247 0.41 0.31 -8.61
N LEU B 248 0.70 1.09 -7.57
CA LEU B 248 1.82 2.03 -7.60
C LEU B 248 3.11 1.52 -6.92
N GLY B 249 2.96 0.57 -6.00
CA GLY B 249 4.11 0.04 -5.30
C GLY B 249 4.64 1.02 -4.26
N TRP B 250 3.79 1.91 -3.78
CA TRP B 250 4.19 2.89 -2.77
C TRP B 250 3.84 2.36 -1.38
N SER B 251 4.52 2.88 -0.35
CA SER B 251 4.25 2.45 1.03
C SER B 251 2.95 3.06 1.57
N TRP B 252 2.51 2.58 2.73
CA TRP B 252 1.30 3.12 3.31
C TRP B 252 1.39 4.65 3.52
N GLU B 253 2.55 5.14 3.97
CA GLU B 253 2.72 6.57 4.22
C GLU B 253 2.69 7.37 2.91
N GLU B 254 3.27 6.81 1.86
CA GLU B 254 3.31 7.52 0.59
C GLU B 254 1.90 7.62 -0.02
N LEU B 255 1.16 6.52 0.05
CA LEU B 255 -0.21 6.48 -0.45
C LEU B 255 -1.06 7.47 0.34
N THR B 256 -0.94 7.41 1.66
CA THR B 256 -1.73 8.28 2.52
C THR B 256 -1.47 9.76 2.29
N ARG B 257 -0.21 10.14 2.12
CA ARG B 257 0.15 11.53 1.88
C ARG B 257 -0.23 12.00 0.49
N ALA B 258 -0.14 11.10 -0.49
CA ALA B 258 -0.44 11.45 -1.89
C ALA B 258 -1.92 11.53 -2.15
N PHE B 259 -2.67 10.64 -1.50
CA PHE B 259 -4.11 10.55 -1.69
C PHE B 259 -4.99 10.78 -0.47
N PRO B 260 -5.17 12.06 -0.08
CA PRO B 260 -6.03 12.32 1.08
C PRO B 260 -7.38 11.65 0.87
N SER B 261 -7.91 11.11 1.95
CA SER B 261 -9.18 10.41 1.91
C SER B 261 -9.83 10.49 3.31
N PRO B 262 -11.14 10.75 3.36
CA PRO B 262 -11.98 10.98 2.16
C PRO B 262 -11.68 12.36 1.56
N PHE B 263 -12.02 12.56 0.29
CA PHE B 263 -11.73 13.82 -0.37
C PHE B 263 -12.92 14.37 -1.16
N SER B 264 -12.82 15.62 -1.62
CA SER B 264 -13.90 16.20 -2.40
C SER B 264 -13.62 15.94 -3.87
N LEU B 265 -14.56 15.29 -4.53
CA LEU B 265 -14.42 14.97 -5.95
C LEU B 265 -14.66 16.27 -6.73
N THR B 266 -13.58 16.93 -7.12
CA THR B 266 -13.69 18.20 -7.82
C THR B 266 -12.80 18.23 -9.04
N VAL B 267 -12.93 19.30 -9.81
CA VAL B 267 -12.12 19.49 -11.01
C VAL B 267 -10.65 19.71 -10.58
N ASP B 268 -10.46 20.49 -9.53
CA ASP B 268 -9.12 20.76 -9.01
C ASP B 268 -8.42 19.47 -8.54
N ALA B 269 -9.19 18.55 -7.96
CA ALA B 269 -8.60 17.31 -7.47
C ALA B 269 -8.09 16.47 -8.65
N ALA B 270 -8.86 16.37 -9.73
CA ALA B 270 -8.40 15.60 -10.90
C ALA B 270 -7.15 16.21 -11.56
N VAL B 271 -7.14 17.53 -11.72
CA VAL B 271 -6.02 18.21 -12.31
C VAL B 271 -4.76 18.00 -11.44
N GLN B 272 -4.90 18.21 -10.12
CA GLN B 272 -3.76 18.03 -9.21
C GLN B 272 -3.31 16.55 -9.17
N GLN B 273 -4.26 15.62 -9.25
CA GLN B 273 -3.86 14.20 -9.25
C GLN B 273 -3.01 13.88 -10.49
N HIS B 274 -3.31 14.53 -11.61
CA HIS B 274 -2.51 14.28 -12.80
C HIS B 274 -1.15 14.98 -12.64
N LEU B 275 -1.17 16.21 -12.12
CA LEU B 275 0.10 16.94 -11.97
C LEU B 275 1.06 16.26 -10.99
N MET B 276 0.51 15.54 -10.01
CA MET B 276 1.29 14.82 -9.00
C MET B 276 2.26 13.81 -9.63
N MET B 277 1.82 13.14 -10.70
CA MET B 277 2.66 12.14 -11.33
C MET B 277 3.81 12.69 -12.13
N GLU B 278 5.01 12.15 -11.88
CA GLU B 278 6.19 12.60 -12.61
C GLU B 278 5.99 12.31 -14.10
N GLY B 279 6.45 13.24 -14.93
CA GLY B 279 6.36 13.06 -16.36
C GLY B 279 5.06 13.47 -17.04
N VAL B 280 4.12 14.09 -16.29
CA VAL B 280 2.85 14.52 -16.89
C VAL B 280 2.89 16.05 -16.97
N PRO B 281 3.23 16.60 -18.14
CA PRO B 281 3.32 18.06 -18.29
C PRO B 281 1.97 18.78 -18.23
N SER B 282 1.93 19.86 -17.44
CA SER B 282 0.71 20.63 -17.28
C SER B 282 0.24 21.14 -18.64
N ALA B 283 1.18 21.44 -19.53
CA ALA B 283 0.81 21.96 -20.83
C ALA B 283 -0.01 20.98 -21.69
N LYS B 284 -0.02 19.71 -21.30
CA LYS B 284 -0.81 18.73 -22.09
C LYS B 284 -2.17 18.46 -21.46
N ILE B 285 -2.36 18.96 -20.25
CA ILE B 285 -3.62 18.74 -19.57
C ILE B 285 -4.68 19.73 -20.04
N VAL B 286 -5.80 19.19 -20.51
CA VAL B 286 -6.90 20.04 -20.97
C VAL B 286 -8.09 19.79 -20.05
N MET B 287 -8.56 20.84 -19.39
CA MET B 287 -9.67 20.68 -18.48
C MET B 287 -11.03 20.60 -19.19
N GLY B 288 -11.84 19.59 -18.90
CA GLY B 288 -13.13 19.52 -19.53
C GLY B 288 -14.20 20.24 -18.68
N VAL B 289 -15.21 20.76 -19.36
CA VAL B 289 -16.34 21.41 -18.68
C VAL B 289 -17.57 20.90 -19.43
N PRO B 290 -18.71 20.78 -18.73
CA PRO B 290 -19.96 20.29 -19.32
C PRO B 290 -20.83 21.43 -19.88
N PHE B 291 -21.54 21.18 -20.98
CA PHE B 291 -22.45 22.18 -21.57
C PHE B 291 -23.89 21.69 -21.30
N TYR B 292 -24.02 20.84 -20.27
CA TYR B 292 -25.30 20.28 -19.87
C TYR B 292 -25.32 20.17 -18.35
N GLY B 293 -26.51 20.00 -17.79
CA GLY B 293 -26.65 19.84 -16.35
C GLY B 293 -27.35 18.52 -16.07
N ARG B 294 -27.32 18.10 -14.80
CA ARG B 294 -27.96 16.86 -14.39
C ARG B 294 -28.99 17.21 -13.31
N ALA B 295 -30.18 16.64 -13.44
CA ALA B 295 -31.25 16.96 -12.51
C ALA B 295 -31.62 15.83 -11.56
N PHE B 296 -32.03 16.24 -10.34
CA PHE B 296 -32.48 15.33 -9.28
C PHE B 296 -33.86 15.79 -8.78
N LYS B 297 -34.67 14.84 -8.35
CA LYS B 297 -35.99 15.15 -7.79
C LYS B 297 -36.08 14.53 -6.39
N GLY B 298 -37.11 14.90 -5.64
CA GLY B 298 -37.28 14.37 -4.30
C GLY B 298 -36.26 14.95 -3.36
N VAL B 299 -35.78 16.15 -3.64
CA VAL B 299 -34.77 16.75 -2.81
C VAL B 299 -35.39 17.53 -1.66
N SER B 300 -34.64 17.72 -0.59
CA SER B 300 -35.12 18.46 0.57
C SER B 300 -34.68 19.91 0.47
N GLY B 301 -35.34 20.78 1.22
CA GLY B 301 -34.97 22.19 1.20
C GLY B 301 -34.00 22.53 2.30
N GLY B 302 -33.77 23.82 2.51
CA GLY B 302 -32.86 24.24 3.56
C GLY B 302 -31.50 24.67 3.04
N ASN B 303 -31.01 23.96 2.03
CA ASN B 303 -29.72 24.32 1.48
C ASN B 303 -29.77 24.34 -0.06
N GLY B 304 -30.85 24.90 -0.60
CA GLY B 304 -31.01 25.01 -2.03
C GLY B 304 -31.08 23.67 -2.76
N GLY B 305 -31.31 22.61 -2.00
CA GLY B 305 -31.39 21.29 -2.60
C GLY B 305 -30.02 20.61 -2.70
N GLN B 306 -28.96 21.30 -2.28
CA GLN B 306 -27.60 20.77 -2.31
C GLN B 306 -27.38 19.74 -1.21
N TYR B 307 -26.64 18.69 -1.54
CA TYR B 307 -26.28 17.66 -0.57
C TYR B 307 -27.46 17.10 0.19
N SER B 308 -28.49 16.70 -0.56
CA SER B 308 -29.68 16.15 0.03
C SER B 308 -29.95 14.76 -0.56
N SER B 309 -30.78 13.98 0.11
CA SER B 309 -31.16 12.68 -0.39
C SER B 309 -32.14 13.07 -1.50
N HIS B 310 -32.42 12.13 -2.40
CA HIS B 310 -33.32 12.38 -3.51
C HIS B 310 -33.99 11.09 -3.90
N SER B 311 -34.91 11.18 -4.85
CA SER B 311 -35.61 9.98 -5.29
C SER B 311 -35.47 9.76 -6.80
N THR B 312 -34.30 10.10 -7.32
CA THR B 312 -34.05 9.98 -8.77
C THR B 312 -33.59 8.62 -9.27
N PRO B 313 -34.29 8.06 -10.27
CA PRO B 313 -33.86 6.75 -10.81
C PRO B 313 -32.41 6.93 -11.27
N GLY B 314 -31.53 6.01 -10.90
CA GLY B 314 -30.14 6.15 -11.30
C GLY B 314 -29.72 5.32 -12.50
N GLU B 315 -30.59 4.42 -12.94
CA GLU B 315 -30.30 3.54 -14.08
C GLU B 315 -30.51 4.12 -15.48
N ASP B 316 -29.81 3.54 -16.44
CA ASP B 316 -29.92 3.94 -17.83
C ASP B 316 -30.34 2.71 -18.62
N PRO B 317 -31.35 2.84 -19.50
CA PRO B 317 -32.08 4.09 -19.78
C PRO B 317 -33.05 4.49 -18.66
N TYR B 318 -33.60 5.69 -18.76
CA TYR B 318 -34.57 6.18 -17.79
C TYR B 318 -35.68 5.13 -17.83
N PRO B 319 -36.04 4.57 -16.66
CA PRO B 319 -37.06 3.54 -16.53
C PRO B 319 -38.56 3.84 -16.63
N SER B 320 -38.96 5.12 -16.60
CA SER B 320 -40.38 5.44 -16.69
C SER B 320 -40.73 6.50 -17.74
N THR B 321 -41.92 7.08 -17.63
CA THR B 321 -42.38 8.12 -18.55
C THR B 321 -42.69 9.40 -17.76
N ASP B 322 -42.36 9.38 -16.48
CA ASP B 322 -42.58 10.54 -15.62
C ASP B 322 -41.49 11.59 -15.91
N TYR B 323 -41.80 12.54 -16.79
CA TYR B 323 -40.88 13.61 -17.14
C TYR B 323 -41.13 14.80 -16.23
N TRP B 324 -40.56 14.69 -15.03
CA TRP B 324 -40.71 15.65 -13.95
C TRP B 324 -39.82 16.87 -13.91
N LEU B 325 -38.99 17.10 -14.93
CA LEU B 325 -38.14 18.29 -14.89
C LEU B 325 -38.99 19.37 -15.58
N VAL B 326 -39.69 20.15 -14.75
CA VAL B 326 -40.59 21.20 -15.24
C VAL B 326 -39.94 22.15 -16.24
N GLY B 327 -40.61 22.29 -17.38
CA GLY B 327 -40.13 23.19 -18.41
C GLY B 327 -39.17 22.58 -19.42
N CYS B 328 -38.65 21.40 -19.12
CA CYS B 328 -37.71 20.77 -20.03
C CYS B 328 -38.38 19.91 -21.10
N GLU B 329 -38.73 20.54 -22.22
CA GLU B 329 -39.37 19.82 -23.33
C GLU B 329 -38.36 18.93 -24.05
N GLU B 330 -37.08 19.32 -23.98
CA GLU B 330 -35.99 18.53 -24.57
C GLU B 330 -36.02 17.16 -23.88
N CYS B 331 -36.21 17.16 -22.56
CA CYS B 331 -36.26 15.94 -21.74
C CYS B 331 -37.38 14.99 -22.20
N VAL B 332 -38.51 15.57 -22.58
CA VAL B 332 -39.64 14.78 -23.06
C VAL B 332 -39.25 14.11 -24.38
N ARG B 333 -38.64 14.88 -25.27
CA ARG B 333 -38.21 14.35 -26.58
C ARG B 333 -37.17 13.25 -26.40
N ASP B 334 -36.12 13.53 -25.63
CA ASP B 334 -35.08 12.53 -25.43
C ASP B 334 -35.44 11.52 -24.35
N LYS B 335 -36.65 11.67 -23.78
CA LYS B 335 -37.14 10.76 -22.74
C LYS B 335 -36.25 10.56 -21.49
N ASP B 336 -35.68 11.64 -20.98
CA ASP B 336 -34.86 11.53 -19.78
C ASP B 336 -34.90 12.89 -19.12
N PRO B 337 -35.49 12.99 -17.93
CA PRO B 337 -35.56 14.26 -17.20
C PRO B 337 -34.33 14.50 -16.33
N ARG B 338 -33.39 13.57 -16.38
CA ARG B 338 -32.20 13.69 -15.54
C ARG B 338 -31.04 14.50 -16.13
N ILE B 339 -31.18 14.89 -17.40
CA ILE B 339 -30.16 15.67 -18.05
C ILE B 339 -30.79 16.68 -19.01
N ALA B 340 -30.18 17.84 -19.11
CA ALA B 340 -30.69 18.90 -19.99
C ALA B 340 -29.52 19.72 -20.51
N SER B 341 -29.57 20.14 -21.76
CA SER B 341 -28.50 20.95 -22.32
C SER B 341 -28.56 22.34 -21.70
N TYR B 342 -27.43 23.04 -21.74
CA TYR B 342 -27.44 24.41 -21.21
C TYR B 342 -28.53 25.21 -21.93
N ARG B 343 -28.62 25.00 -23.25
CA ARG B 343 -29.60 25.69 -24.07
C ARG B 343 -30.98 25.54 -23.43
N GLN B 344 -31.36 24.31 -23.10
CA GLN B 344 -32.65 24.03 -22.51
C GLN B 344 -32.78 24.64 -21.12
N LEU B 345 -31.70 24.56 -20.32
CA LEU B 345 -31.74 25.10 -18.94
C LEU B 345 -31.93 26.60 -18.94
N GLU B 346 -31.37 27.27 -19.93
CA GLU B 346 -31.52 28.70 -20.04
C GLU B 346 -33.00 28.99 -20.33
N GLN B 347 -33.60 28.23 -21.24
CA GLN B 347 -35.02 28.43 -21.57
C GLN B 347 -35.94 28.11 -20.39
N MET B 348 -35.55 27.16 -19.54
CA MET B 348 -36.37 26.83 -18.38
C MET B 348 -36.37 28.02 -17.44
N LEU B 349 -35.21 28.63 -17.27
CA LEU B 349 -35.09 29.79 -16.42
C LEU B 349 -35.93 30.92 -17.03
N GLN B 350 -35.93 31.04 -18.35
CA GLN B 350 -36.68 32.09 -19.03
C GLN B 350 -38.20 31.89 -18.95
N GLY B 351 -38.65 30.65 -19.08
CA GLY B 351 -40.07 30.37 -19.02
C GLY B 351 -40.74 30.59 -17.68
N ASN B 352 -40.02 31.21 -16.74
CA ASN B 352 -40.57 31.47 -15.41
C ASN B 352 -41.37 30.25 -14.92
N TYR B 353 -40.66 29.16 -14.64
CA TYR B 353 -41.26 27.90 -14.17
C TYR B 353 -41.01 27.66 -12.70
N GLY B 354 -40.47 28.66 -11.99
CA GLY B 354 -40.23 28.49 -10.56
C GLY B 354 -38.86 28.01 -10.09
N TYR B 355 -37.84 28.07 -10.95
CA TYR B 355 -36.49 27.65 -10.58
C TYR B 355 -35.75 28.89 -10.10
N GLN B 356 -34.95 28.74 -9.05
CA GLN B 356 -34.13 29.86 -8.56
C GLN B 356 -32.67 29.55 -8.98
N ARG B 357 -31.96 30.51 -9.55
CA ARG B 357 -30.57 30.25 -9.90
C ARG B 357 -29.74 30.60 -8.67
N LEU B 358 -29.06 29.60 -8.10
CA LEU B 358 -28.25 29.85 -6.92
C LEU B 358 -26.76 29.71 -7.22
N TRP B 359 -25.92 30.21 -6.33
CA TRP B 359 -24.50 30.15 -6.54
C TRP B 359 -23.70 29.66 -5.34
N ASN B 360 -22.81 28.71 -5.56
CA ASN B 360 -21.97 28.21 -4.47
C ASN B 360 -20.60 28.87 -4.60
N ASP B 361 -20.27 29.78 -3.68
CA ASP B 361 -19.01 30.50 -3.78
C ASP B 361 -17.76 29.74 -3.29
N LYS B 362 -17.94 28.47 -2.90
CA LYS B 362 -16.81 27.61 -2.51
C LYS B 362 -16.44 26.79 -3.78
N THR B 363 -17.45 26.13 -4.35
CA THR B 363 -17.24 25.32 -5.57
C THR B 363 -17.18 26.17 -6.84
N LYS B 364 -17.64 27.41 -6.75
CA LYS B 364 -17.68 28.37 -7.86
C LYS B 364 -18.55 27.84 -8.99
N THR B 365 -19.69 27.27 -8.65
CA THR B 365 -20.63 26.76 -9.65
C THR B 365 -22.09 27.10 -9.34
N PRO B 366 -22.92 27.23 -10.40
CA PRO B 366 -24.34 27.55 -10.22
C PRO B 366 -25.18 26.27 -10.08
N TYR B 367 -26.42 26.43 -9.61
CA TYR B 367 -27.32 25.30 -9.52
C TYR B 367 -28.76 25.81 -9.51
N LEU B 368 -29.68 24.98 -9.95
CA LEU B 368 -31.07 25.38 -9.96
C LEU B 368 -31.76 24.65 -8.82
N TYR B 369 -32.67 25.37 -8.17
CA TYR B 369 -33.44 24.80 -7.09
C TYR B 369 -34.90 25.12 -7.31
N HIS B 370 -35.70 24.08 -7.36
CA HIS B 370 -37.12 24.29 -7.54
C HIS B 370 -37.77 23.98 -6.20
N ALA B 371 -38.00 25.03 -5.40
CA ALA B 371 -38.61 24.90 -4.08
C ALA B 371 -39.93 24.15 -4.14
N GLN B 372 -40.80 24.54 -5.06
CA GLN B 372 -42.10 23.89 -5.19
C GLN B 372 -41.99 22.39 -5.35
N ASN B 373 -41.55 21.92 -6.52
CA ASN B 373 -41.45 20.49 -6.78
C ASN B 373 -40.29 19.71 -6.16
N GLY B 374 -39.36 20.40 -5.51
CA GLY B 374 -38.22 19.72 -4.90
C GLY B 374 -37.22 19.19 -5.91
N LEU B 375 -36.78 20.09 -6.81
CA LEU B 375 -35.82 19.76 -7.86
C LEU B 375 -34.48 20.46 -7.66
N PHE B 376 -33.41 19.74 -8.01
CA PHE B 376 -32.02 20.25 -7.93
C PHE B 376 -31.34 19.99 -9.26
N VAL B 377 -30.69 21.02 -9.80
CA VAL B 377 -29.99 20.87 -11.06
C VAL B 377 -28.56 21.38 -10.94
N THR B 378 -27.59 20.51 -11.26
CA THR B 378 -26.19 20.98 -11.21
C THR B 378 -25.75 21.20 -12.67
N TYR B 379 -25.14 22.35 -12.94
CA TYR B 379 -24.68 22.67 -14.29
C TYR B 379 -23.60 23.75 -14.21
N ASP B 380 -23.07 24.13 -15.37
CA ASP B 380 -22.07 25.17 -15.47
C ASP B 380 -22.57 26.29 -16.39
N ASP B 381 -22.02 27.48 -16.24
CA ASP B 381 -22.44 28.59 -17.10
C ASP B 381 -21.28 29.55 -17.32
N ALA B 382 -21.55 30.66 -17.99
CA ALA B 382 -20.48 31.62 -18.27
C ALA B 382 -19.76 32.15 -17.01
N GLU B 383 -20.44 32.17 -15.87
CA GLU B 383 -19.81 32.66 -14.65
C GLU B 383 -18.89 31.60 -14.06
N SER B 384 -19.33 30.35 -13.97
CA SER B 384 -18.44 29.32 -13.42
C SER B 384 -17.22 29.18 -14.35
N PHE B 385 -17.42 29.41 -15.66
CA PHE B 385 -16.31 29.32 -16.58
C PHE B 385 -15.24 30.37 -16.32
N LYS B 386 -15.60 31.50 -15.70
CA LYS B 386 -14.58 32.52 -15.39
C LYS B 386 -13.54 31.94 -14.43
N TYR B 387 -14.00 31.23 -13.40
CA TYR B 387 -13.04 30.63 -12.43
C TYR B 387 -12.25 29.49 -13.07
N LYS B 388 -12.94 28.65 -13.84
CA LYS B 388 -12.24 27.55 -14.47
C LYS B 388 -11.18 28.08 -15.42
N ALA B 389 -11.49 29.12 -16.20
CA ALA B 389 -10.50 29.69 -17.12
C ALA B 389 -9.33 30.29 -16.36
N LYS B 390 -9.59 30.94 -15.22
CA LYS B 390 -8.46 31.51 -14.47
C LYS B 390 -7.57 30.39 -13.89
N TYR B 391 -8.20 29.31 -13.44
CA TYR B 391 -7.50 28.13 -12.90
C TYR B 391 -6.59 27.52 -13.99
N ILE B 392 -7.13 27.41 -15.20
CA ILE B 392 -6.38 26.89 -16.36
C ILE B 392 -5.15 27.79 -16.61
N LYS B 393 -5.34 29.10 -16.53
CA LYS B 393 -4.20 30.00 -16.72
C LYS B 393 -3.21 29.84 -15.57
N GLN B 394 -3.72 29.83 -14.34
CA GLN B 394 -2.89 29.72 -13.13
C GLN B 394 -2.05 28.44 -13.05
N GLN B 395 -2.67 27.31 -13.37
CA GLN B 395 -2.02 26.00 -13.34
C GLN B 395 -1.26 25.69 -14.61
N GLN B 396 -1.21 26.64 -15.52
CA GLN B 396 -0.50 26.48 -16.78
C GLN B 396 -0.92 25.24 -17.59
N LEU B 397 -2.23 25.01 -17.63
CA LEU B 397 -2.76 23.85 -18.38
C LEU B 397 -2.83 24.16 -19.86
N GLY B 398 -2.98 23.12 -20.67
CA GLY B 398 -3.03 23.32 -22.11
C GLY B 398 -4.27 24.05 -22.59
N GLY B 399 -5.34 24.01 -21.80
CA GLY B 399 -6.54 24.69 -22.22
C GLY B 399 -7.81 24.10 -21.69
N VAL B 400 -8.88 24.28 -22.46
CA VAL B 400 -10.19 23.79 -22.08
C VAL B 400 -10.85 22.89 -23.15
N MET B 401 -11.64 21.95 -22.69
CA MET B 401 -12.35 21.04 -23.58
C MET B 401 -13.79 21.05 -23.07
N PHE B 402 -14.75 20.72 -23.93
CA PHE B 402 -16.10 20.68 -23.47
C PHE B 402 -16.99 19.67 -24.17
N TRP B 403 -17.92 19.15 -23.39
CA TRP B 403 -18.88 18.19 -23.88
C TRP B 403 -20.27 18.81 -23.68
N HIS B 404 -21.00 19.07 -24.77
CA HIS B 404 -20.47 19.01 -26.12
C HIS B 404 -21.06 20.23 -26.84
N LEU B 405 -20.42 20.59 -27.94
CA LEU B 405 -20.81 21.79 -28.69
C LEU B 405 -22.31 21.92 -28.99
N GLY B 406 -22.95 20.84 -29.42
CA GLY B 406 -24.37 20.92 -29.73
C GLY B 406 -25.30 21.25 -28.57
N GLN B 407 -24.77 21.43 -27.34
CA GLN B 407 -25.61 21.74 -26.20
C GLN B 407 -25.57 23.20 -25.77
N ASP B 408 -24.73 23.99 -26.45
CA ASP B 408 -24.62 25.43 -26.18
C ASP B 408 -25.94 26.08 -26.65
N ASN B 409 -26.21 27.32 -26.26
CA ASN B 409 -27.45 27.92 -26.75
C ASN B 409 -27.25 28.40 -28.21
N ARG B 410 -28.31 28.85 -28.87
CA ARG B 410 -28.17 29.23 -30.27
C ARG B 410 -27.13 30.31 -30.53
N ASN B 411 -26.97 31.23 -29.59
CA ASN B 411 -26.00 32.28 -29.76
C ASN B 411 -24.57 31.82 -29.52
N GLY B 412 -24.41 30.61 -29.00
CA GLY B 412 -23.08 30.07 -28.72
C GLY B 412 -22.46 30.85 -27.56
N ASP B 413 -23.25 31.16 -26.53
CA ASP B 413 -22.72 31.95 -25.42
C ASP B 413 -21.66 31.23 -24.57
N LEU B 414 -21.80 29.91 -24.40
CA LEU B 414 -20.79 29.21 -23.60
C LEU B 414 -19.42 29.12 -24.31
N LEU B 415 -19.41 28.84 -25.62
CA LEU B 415 -18.13 28.79 -26.34
C LEU B 415 -17.48 30.18 -26.37
N ALA B 416 -18.31 31.19 -26.64
CA ALA B 416 -17.85 32.55 -26.72
C ALA B 416 -17.25 33.00 -25.37
N ALA B 417 -17.84 32.56 -24.27
CA ALA B 417 -17.34 32.94 -22.94
C ALA B 417 -15.93 32.37 -22.76
N LEU B 418 -15.73 31.12 -23.15
CA LEU B 418 -14.42 30.51 -22.99
C LEU B 418 -13.36 31.21 -23.82
N ASP B 419 -13.69 31.47 -25.08
CA ASP B 419 -12.75 32.16 -25.94
C ASP B 419 -12.45 33.54 -25.34
N ARG B 420 -13.49 34.20 -24.83
CA ARG B 420 -13.32 35.51 -24.24
C ARG B 420 -12.34 35.49 -23.08
N TYR B 421 -12.52 34.56 -22.15
CA TYR B 421 -11.66 34.53 -20.99
C TYR B 421 -10.20 34.27 -21.33
N PHE B 422 -9.92 33.56 -22.41
CA PHE B 422 -8.53 33.33 -22.78
C PHE B 422 -7.94 34.39 -23.72
N ASN B 423 -8.76 34.94 -24.60
CA ASN B 423 -8.21 35.84 -25.60
C ASN B 423 -8.70 37.27 -25.74
N ALA B 424 -9.79 37.65 -25.09
CA ALA B 424 -10.30 38.99 -25.27
C ALA B 424 -9.43 40.02 -24.56
N ALA B 425 -9.00 41.02 -25.31
CA ALA B 425 -8.20 42.10 -24.74
C ALA B 425 -8.98 42.89 -23.67
N ASP B 426 -10.30 42.99 -23.82
CA ASP B 426 -11.08 43.74 -22.85
C ASP B 426 -11.68 42.93 -21.69
N TYR B 427 -11.19 41.70 -21.49
CA TYR B 427 -11.64 40.89 -20.36
C TYR B 427 -10.44 40.80 -19.45
N ASP B 428 -10.60 41.20 -18.19
CA ASP B 428 -9.49 41.22 -17.25
C ASP B 428 -9.88 40.51 -15.95
N ASP B 429 -9.32 39.32 -15.74
CA ASP B 429 -9.64 38.56 -14.52
C ASP B 429 -8.53 38.63 -13.48
N SER B 430 -7.63 39.59 -13.61
CA SER B 430 -6.53 39.69 -12.64
C SER B 430 -7.00 39.84 -11.20
N GLN B 431 -8.20 40.35 -11.00
CA GLN B 431 -8.72 40.54 -9.64
C GLN B 431 -9.75 39.51 -9.25
N LEU B 432 -10.03 38.55 -10.14
CA LEU B 432 -11.04 37.54 -9.84
C LEU B 432 -10.64 36.72 -8.61
N ASP B 433 -11.51 36.67 -7.61
CA ASP B 433 -11.25 35.93 -6.38
C ASP B 433 -11.64 34.46 -6.48
N MET B 434 -10.64 33.59 -6.35
CA MET B 434 -10.84 32.15 -6.49
C MET B 434 -11.50 31.44 -5.28
N GLY B 435 -11.81 32.21 -4.24
CA GLY B 435 -12.50 31.67 -3.09
C GLY B 435 -11.69 30.87 -2.07
N THR B 436 -12.39 30.37 -1.07
CA THR B 436 -11.78 29.59 0.00
C THR B 436 -12.22 28.13 -0.03
N GLY B 437 -12.67 27.69 -1.21
CA GLY B 437 -13.08 26.30 -1.31
C GLY B 437 -11.88 25.39 -1.09
N LEU B 438 -12.13 24.14 -0.74
CA LEU B 438 -11.08 23.17 -0.50
C LEU B 438 -10.21 22.79 -1.71
N ARG B 439 -8.91 23.05 -1.56
CA ARG B 439 -7.94 22.72 -2.59
C ARG B 439 -7.44 21.31 -2.30
N TYR B 440 -7.10 20.56 -3.36
CA TYR B 440 -6.56 19.21 -3.20
C TYR B 440 -5.06 19.38 -3.03
N THR B 441 -4.48 18.87 -1.95
CA THR B 441 -3.04 19.04 -1.80
C THR B 441 -2.23 17.76 -1.46
N GLY B 442 -2.47 16.70 -2.22
CA GLY B 442 -1.73 15.48 -1.97
C GLY B 442 -0.30 15.67 -2.44
N VAL B 443 0.63 15.00 -1.78
CA VAL B 443 2.01 15.10 -2.21
C VAL B 443 2.49 13.69 -2.54
N GLY B 444 2.95 13.48 -3.75
CA GLY B 444 3.41 12.15 -4.10
C GLY B 444 4.88 12.11 -4.47
N PRO B 445 5.56 10.95 -4.32
CA PRO B 445 6.98 10.88 -4.69
C PRO B 445 7.20 11.43 -6.12
N GLY B 446 6.12 11.91 -6.74
CA GLY B 446 6.22 12.49 -8.06
C GLY B 446 6.17 14.01 -8.06
N ASN B 447 5.84 14.64 -6.93
CA ASN B 447 5.78 16.12 -6.84
C ASN B 447 6.32 16.63 -5.48
N LEU B 448 7.44 16.07 -5.06
CA LEU B 448 8.06 16.46 -3.80
C LEU B 448 8.61 17.88 -3.80
N PRO B 449 8.54 18.55 -2.66
CA PRO B 449 9.08 19.91 -2.65
C PRO B 449 10.59 19.87 -2.52
N ILE B 450 11.24 20.97 -2.86
CA ILE B 450 12.67 21.06 -2.70
C ILE B 450 12.82 21.12 -1.17
N MET B 451 13.70 20.29 -0.63
CA MET B 451 13.95 20.32 0.80
C MET B 451 15.44 20.33 1.03
N THR B 452 15.81 20.69 2.25
CA THR B 452 17.20 20.82 2.63
C THR B 452 17.44 20.12 3.96
N ALA B 453 18.48 19.28 4.02
CA ALA B 453 18.83 18.57 5.24
C ALA B 453 20.28 18.05 5.15
N PRO B 454 20.94 17.88 6.31
CA PRO B 454 22.33 17.39 6.37
C PRO B 454 22.44 16.05 5.66
N ALA B 455 23.57 15.78 5.02
CA ALA B 455 23.73 14.51 4.32
C ALA B 455 23.62 13.34 5.32
N TYR B 456 23.27 12.17 4.80
CA TYR B 456 23.15 10.96 5.62
C TYR B 456 24.57 10.58 6.08
N VAL B 457 24.72 10.29 7.39
CA VAL B 457 26.02 9.91 7.96
C VAL B 457 26.01 8.42 8.33
N PRO B 458 26.58 7.55 7.47
CA PRO B 458 26.60 6.11 7.80
C PRO B 458 27.14 5.85 9.23
N GLY B 459 26.68 4.77 9.85
CA GLY B 459 27.12 4.47 11.20
C GLY B 459 26.47 5.33 12.26
N THR B 460 25.54 6.18 11.86
CA THR B 460 24.81 7.05 12.80
C THR B 460 23.48 6.38 13.17
N THR B 461 22.97 6.68 14.36
CA THR B 461 21.69 6.14 14.78
C THR B 461 20.75 7.33 14.85
N TYR B 462 19.71 7.29 14.02
CA TYR B 462 18.74 8.39 13.95
C TYR B 462 17.49 8.21 14.79
N ALA B 463 17.04 9.32 15.35
CA ALA B 463 15.84 9.32 16.15
C ALA B 463 14.69 9.46 15.17
N GLN B 464 13.49 9.10 15.63
CA GLN B 464 12.29 9.21 14.82
C GLN B 464 12.16 10.67 14.35
N GLY B 465 11.69 10.86 13.12
CA GLY B 465 11.49 12.21 12.59
C GLY B 465 12.70 12.94 12.05
N ALA B 466 13.87 12.33 12.17
CA ALA B 466 15.10 12.93 11.68
C ALA B 466 15.03 13.08 10.16
N LEU B 467 15.68 14.13 9.66
CA LEU B 467 15.71 14.43 8.23
C LEU B 467 17.15 14.42 7.73
N VAL B 468 17.38 13.75 6.60
CA VAL B 468 18.70 13.69 6.02
C VAL B 468 18.57 13.76 4.49
N SER B 469 19.65 14.17 3.83
CA SER B 469 19.64 14.21 2.37
C SER B 469 20.47 13.02 1.94
N TYR B 470 20.03 12.33 0.90
CA TYR B 470 20.75 11.16 0.45
C TYR B 470 20.33 10.74 -0.95
N GLN B 471 21.31 10.65 -1.83
CA GLN B 471 21.07 10.25 -3.22
C GLN B 471 19.98 11.04 -3.95
N GLY B 472 20.01 12.36 -3.81
CA GLY B 472 19.06 13.20 -4.52
C GLY B 472 17.74 13.50 -3.84
N TYR B 473 17.54 12.97 -2.63
CA TYR B 473 16.31 13.19 -1.92
C TYR B 473 16.52 13.52 -0.47
N VAL B 474 15.49 14.05 0.15
CA VAL B 474 15.53 14.33 1.57
C VAL B 474 14.62 13.23 2.11
N TRP B 475 15.08 12.56 3.16
CA TRP B 475 14.34 11.46 3.78
C TRP B 475 14.09 11.65 5.26
N GLN B 476 12.93 11.21 5.73
CA GLN B 476 12.59 11.28 7.14
C GLN B 476 12.37 9.86 7.74
N THR B 477 12.91 9.63 8.94
CA THR B 477 12.76 8.34 9.64
C THR B 477 11.36 8.24 10.21
N LYS B 478 10.72 7.07 10.04
CA LYS B 478 9.37 6.89 10.55
C LYS B 478 9.29 6.35 11.99
N TRP B 479 10.44 5.94 12.51
CA TRP B 479 10.51 5.47 13.89
C TRP B 479 11.94 5.68 14.43
N GLY B 480 12.19 5.24 15.66
CA GLY B 480 13.49 5.48 16.26
C GLY B 480 14.63 4.49 16.09
N TYR B 481 15.80 4.87 16.60
CA TYR B 481 17.00 4.05 16.54
C TYR B 481 17.25 3.49 15.15
N ILE B 482 17.18 4.35 14.14
CA ILE B 482 17.42 3.90 12.78
C ILE B 482 18.92 3.85 12.52
N THR B 483 19.39 2.67 12.14
CA THR B 483 20.82 2.50 11.88
C THR B 483 21.01 2.08 10.43
N SER B 484 19.91 2.02 9.69
CA SER B 484 19.96 1.64 8.28
C SER B 484 20.11 2.92 7.43
N ALA B 485 20.52 2.75 6.19
CA ALA B 485 20.68 3.89 5.28
C ALA B 485 19.34 4.19 4.59
N PRO B 486 19.14 5.44 4.14
CA PRO B 486 17.88 5.78 3.46
C PRO B 486 17.75 5.20 2.05
N GLY B 487 16.52 4.97 1.62
CA GLY B 487 16.30 4.45 0.28
C GLY B 487 15.87 3.02 0.19
N SER B 488 16.64 2.15 0.83
CA SER B 488 16.40 0.71 0.84
C SER B 488 15.22 0.28 1.70
N ASP B 489 15.47 0.18 3.00
CA ASP B 489 14.45 -0.28 3.92
C ASP B 489 13.32 0.69 4.22
N SER B 490 12.28 0.11 4.81
CA SER B 490 11.06 0.79 5.18
C SER B 490 11.13 1.85 6.28
N ALA B 491 12.28 2.03 6.93
CA ALA B 491 12.33 3.01 8.00
C ALA B 491 12.35 4.47 7.52
N TRP B 492 12.76 4.70 6.28
CA TRP B 492 12.86 6.07 5.74
C TRP B 492 11.81 6.47 4.73
N LEU B 493 11.25 7.66 4.92
CA LEU B 493 10.24 8.18 4.00
C LEU B 493 10.81 9.33 3.14
N LYS B 494 10.76 9.17 1.82
CA LYS B 494 11.20 10.20 0.88
C LYS B 494 10.22 11.38 1.07
N VAL B 495 10.72 12.52 1.53
CA VAL B 495 9.84 13.68 1.74
C VAL B 495 10.19 14.91 0.89
N GLY B 496 11.37 14.93 0.27
CA GLY B 496 11.70 16.07 -0.55
C GLY B 496 12.80 15.76 -1.56
N ARG B 497 13.05 16.73 -2.44
CA ARG B 497 14.10 16.64 -3.44
C ARG B 497 15.22 17.59 -3.05
N VAL B 498 16.45 17.14 -3.31
CA VAL B 498 17.65 17.90 -3.05
C VAL B 498 17.87 18.84 -4.26
N ALA B 499 18.14 20.11 -4.01
CA ALA B 499 18.37 21.07 -5.11
C ALA B 499 19.64 20.73 -5.84
C1 GDL C . 18.51 -12.08 21.23
C2 GDL C . 19.88 -12.57 20.78
C3 GDL C . 20.87 -12.72 21.93
C4 GDL C . 20.55 -11.80 23.12
C5 GDL C . 19.12 -12.11 23.52
C6 GDL C . 18.75 -11.40 24.82
C7 GDL C . 18.88 -14.81 20.61
C8 GDL C . 18.66 -16.12 19.87
N2 GDL C . 19.71 -13.89 20.12
O1 GDL C . 17.48 -12.06 20.33
O3 GDL C . 22.17 -12.38 21.44
O4 GDL C . 21.39 -12.12 24.24
O5 GDL C . 18.26 -11.62 22.49
O6 GDL C . 18.81 -9.99 24.60
O7 GDL C . 18.24 -14.58 21.64
C1 NAG C . 22.55 -11.28 24.37
C2 NAG C . 22.96 -11.29 25.85
C3 NAG C . 24.27 -10.55 26.05
C4 NAG C . 25.34 -11.22 25.17
C5 NAG C . 24.87 -11.12 23.71
C6 NAG C . 25.91 -11.73 22.78
C7 NAG C . 21.23 -11.35 27.62
C8 NAG C . 20.12 -10.53 28.31
N2 NAG C . 21.87 -10.70 26.64
O3 NAG C . 24.70 -10.63 27.41
O4 NAG C . 26.61 -10.57 25.35
O5 NAG C . 23.62 -11.83 23.56
O6 NAG C . 25.39 -11.63 21.44
O7 NAG C . 21.47 -12.50 27.98
C1 GDL D . -18.10 11.47 -21.27
C2 GDL D . -18.11 10.81 -22.65
C3 GDL D . -19.42 11.03 -23.42
C4 GDL D . -20.61 11.35 -22.50
C5 GDL D . -20.16 12.54 -21.65
C6 GDL D . -21.33 13.12 -20.85
C7 GDL D . -16.61 12.64 -23.37
C8 GDL D . -15.43 13.12 -24.22
N2 GDL D . -16.98 11.35 -23.42
O1 GDL D . -16.94 11.52 -20.58
O3 GDL D . -19.70 9.85 -24.17
O4 GDL D . -21.75 11.79 -23.26
O5 GDL D . -19.21 12.03 -20.69
O6 GDL D . -21.83 12.16 -19.92
O7 GDL D . -17.23 13.45 -22.67
C1 NAG D . -22.69 10.75 -23.55
C2 NAG D . -24.06 11.41 -23.78
C3 NAG D . -25.09 10.35 -24.22
C4 NAG D . -24.58 9.62 -25.47
C5 NAG D . -23.19 9.05 -25.16
C6 NAG D . -22.59 8.34 -26.37
C7 NAG D . -24.63 13.43 -22.50
C8 NAG D . -25.07 13.98 -21.14
N2 NAG D . -24.48 12.11 -22.55
O3 NAG D . -26.32 10.99 -24.53
O4 NAG D . -25.48 8.57 -25.80
O5 NAG D . -22.29 10.11 -24.78
O6 NAG D . -21.32 7.79 -25.98
O7 NAG D . -24.48 14.19 -23.45
C1 GOL E . -2.85 -4.52 18.21
O1 GOL E . -2.25 -4.38 19.49
C2 GOL E . -4.37 -4.51 18.36
O2 GOL E . -4.79 -3.33 19.08
C3 GOL E . -5.00 -4.51 16.96
O3 GOL E . -4.63 -5.69 16.25
C1 GOL F . 37.49 -11.18 12.83
O1 GOL F . 36.74 -10.46 11.83
C2 GOL F . 38.70 -11.88 12.18
O2 GOL F . 39.44 -12.60 13.18
C3 GOL F . 38.21 -12.85 11.13
O3 GOL F . 39.31 -13.54 10.55
C1 GOL G . 24.33 -19.37 41.25
O1 GOL G . 23.04 -18.75 41.42
C2 GOL G . 24.61 -20.34 42.39
O2 GOL G . 24.45 -19.67 43.63
C3 GOL G . 23.63 -21.52 42.34
O3 GOL G . 22.28 -21.06 42.51
S SO4 H . 6.16 -33.43 36.72
O1 SO4 H . 6.98 -34.47 36.06
O2 SO4 H . 5.36 -34.04 37.79
O3 SO4 H . 7.06 -32.43 37.32
O4 SO4 H . 5.26 -32.78 35.74
S SO4 I . 32.64 -14.53 32.19
O1 SO4 I . 33.11 -15.39 33.29
O2 SO4 I . 33.78 -13.83 31.58
O3 SO4 I . 31.97 -15.36 31.16
O4 SO4 I . 31.66 -13.55 32.72
S SO4 J . -0.26 -23.85 7.68
O1 SO4 J . 0.51 -25.09 7.86
O2 SO4 J . 0.10 -23.30 6.35
O3 SO4 J . -1.70 -24.16 7.73
O4 SO4 J . 0.07 -22.87 8.74
C1 GOL K . -8.43 16.55 -0.40
O1 GOL K . -7.27 17.11 0.23
C2 GOL K . -9.57 17.57 -0.41
O2 GOL K . -10.61 17.10 -1.26
C3 GOL K . -10.13 17.78 1.00
O3 GOL K . -9.13 18.32 1.85
C1 GOL L . -42.33 18.94 -18.10
O1 GOL L . -42.25 18.21 -19.32
C2 GOL L . -43.21 20.19 -18.28
O2 GOL L . -43.31 20.88 -17.03
C3 GOL L . -42.57 21.13 -19.31
O3 GOL L . -42.44 20.45 -20.56
C1 GOL M . 15.98 0.20 10.58
O1 GOL M . 17.16 0.31 11.41
C2 GOL M . 15.14 -1.01 11.02
O2 GOL M . 14.78 -0.86 12.41
C3 GOL M . 13.86 -1.10 10.18
O3 GOL M . 14.18 -1.22 8.79
C1 GOL N . 4.61 16.13 -28.03
O1 GOL N . 4.93 15.14 -27.03
C2 GOL N . 3.61 15.57 -29.04
O2 GOL N . 3.33 16.57 -30.03
C3 GOL N . 4.18 14.32 -29.73
O3 GOL N . 4.44 13.31 -28.76
C1 GOL O . -14.38 2.12 -11.10
O1 GOL O . -13.44 1.15 -11.59
C2 GOL O . -15.74 1.91 -11.79
O2 GOL O . -16.26 0.63 -11.41
C3 GOL O . -16.72 3.00 -11.36
O3 GOL O . -16.95 2.90 -9.95
C1 GOL P . 25.32 19.39 5.99
O1 GOL P . 25.60 18.99 7.33
C2 GOL P . 26.42 18.88 5.07
O2 GOL P . 26.54 17.46 5.20
C3 GOL P . 26.10 19.22 3.62
O3 GOL P . 24.90 18.54 3.23
S SO4 Q . -16.84 40.05 -26.67
O1 SO4 Q . -15.85 39.64 -25.65
O2 SO4 Q . -17.97 39.11 -26.69
O3 SO4 Q . -17.33 41.41 -26.34
O4 SO4 Q . -16.20 40.07 -27.99
S SO4 R . 5.48 20.71 -16.08
O1 SO4 R . 6.25 19.45 -15.92
O2 SO4 R . 4.05 20.45 -15.78
O3 SO4 R . 5.98 21.73 -15.14
O4 SO4 R . 5.61 21.19 -17.47
S SO4 S . -32.14 11.61 -32.50
O1 SO4 S . -31.95 11.80 -31.06
O2 SO4 S . -31.06 10.74 -33.03
O3 SO4 S . -33.45 10.97 -32.76
O4 SO4 S . -32.09 12.92 -33.16
S SO4 T . -26.05 10.07 -19.58
O1 SO4 T . -25.86 8.89 -18.69
O2 SO4 T . -24.73 10.67 -19.88
O3 SO4 T . -26.69 9.64 -20.84
O4 SO4 T . -26.92 11.05 -18.90
#